data_1TOX
#
_entry.id   1TOX
#
_cell.length_a   105.000
_cell.length_b   89.500
_cell.length_c   130.100
_cell.angle_alpha   90.00
_cell.angle_beta   94.00
_cell.angle_gamma   90.00
#
_symmetry.space_group_name_H-M   'C 1 2 1'
#
loop_
_entity.id
_entity.type
_entity.pdbx_description
1 polymer 'DIPHTHERIA TOXIN (DIMERIC)'
2 non-polymer NICOTINAMIDE-ADENINE-DINUCLEOTIDE
3 water water
#
_entity_poly.entity_id   1
_entity_poly.type   'polypeptide(L)'
_entity_poly.pdbx_seq_one_letter_code
;GADDVVDSSKSFVMENFSSYHGTKPGYVDSIQKGIQKPKSGTQGNYDDDWKGFYSTDNKYDAAGYSVDNENPLSGKAGGV
VKVTYPGLTKVLALKVDNAETIKKELGLSLTEPLMEQVGTEEFIKRFGDGASRVVLSLPFAEGSSSVEYINNWEQAKALS
VELEINFETRGKRGQDAMYEYMAQACAGNRVRRSVGSSLSCINLDWDVIRDKTKTKIESLKEHGPIKNKMSESPNKTVSE
EKAKQYLEEFHQTALEHPELSELKTVTGTNPVFAGANYAAWAVNVAQVIDSETADNLEKTTAALSILPGIGSVMGIADGA
VHHNTEEIVAQSIALSSLMVAQAIPLVGELVDIGFAAYNFVESIINLFQVVHNSYNRPAYSPGHKTQPFLHDGYAVSWNT
VEDSIIRTGFQGESGHDIKITAENTPLPIAGVLLPTIPGKLDVNKSKTHISVNGRKIRMRCRAIDGDVTFCRPKSPVYVG
NGVHANLHVAFHRSSSEKIHSNEISSDSIGVLGYQKTVDHTKVNSKLSLFFEIKS
;
_entity_poly.pdbx_strand_id   A,B
#
# COMPACT_ATOMS: atom_id res chain seq x y z
N GLY A 1 26.83 -6.52 47.68
CA GLY A 1 28.05 -7.35 47.49
C GLY A 1 27.92 -8.23 46.26
N ALA A 2 27.29 -9.38 46.43
CA ALA A 2 27.09 -10.32 45.33
C ALA A 2 26.10 -9.77 44.32
N ASP A 3 25.30 -8.78 44.72
CA ASP A 3 24.34 -8.21 43.80
C ASP A 3 25.08 -7.38 42.76
N ASP A 4 26.18 -6.77 43.17
CA ASP A 4 26.99 -5.90 42.31
C ASP A 4 27.77 -6.60 41.21
N VAL A 5 28.08 -7.88 41.40
CA VAL A 5 28.88 -8.62 40.44
C VAL A 5 28.30 -9.92 39.91
N VAL A 6 27.24 -10.41 40.53
CA VAL A 6 26.64 -11.67 40.10
C VAL A 6 25.22 -11.46 39.61
N ASP A 7 24.95 -12.01 38.43
CA ASP A 7 23.66 -11.94 37.76
C ASP A 7 22.86 -13.20 38.05
N SER A 8 22.05 -13.16 39.11
CA SER A 8 21.24 -14.32 39.48
C SER A 8 20.26 -14.75 38.41
N SER A 9 19.71 -13.79 37.69
CA SER A 9 18.78 -14.12 36.65
C SER A 9 19.37 -15.09 35.69
N LYS A 10 20.67 -14.93 35.40
CA LYS A 10 21.37 -15.76 34.43
C LYS A 10 22.29 -16.89 34.92
N SER A 11 22.20 -17.24 36.20
CA SER A 11 23.02 -18.31 36.79
C SER A 11 22.11 -19.53 36.97
N PHE A 12 22.70 -20.72 37.00
CA PHE A 12 21.91 -21.95 37.13
C PHE A 12 22.72 -23.20 37.46
N VAL A 13 22.11 -24.17 38.12
CA VAL A 13 22.80 -25.43 38.42
C VAL A 13 22.31 -26.41 37.34
N MET A 14 23.25 -27.09 36.67
CA MET A 14 22.88 -28.01 35.60
C MET A 14 23.59 -29.34 35.75
N GLU A 15 22.92 -30.41 35.33
CA GLU A 15 23.51 -31.72 35.41
C GLU A 15 24.10 -31.97 34.03
N ASN A 16 25.33 -32.46 34.00
CA ASN A 16 26.04 -32.75 32.75
C ASN A 16 26.16 -31.49 31.93
N PHE A 17 26.56 -30.42 32.61
CA PHE A 17 26.73 -29.17 31.92
C PHE A 17 27.81 -29.27 30.85
N SER A 18 27.40 -29.12 29.59
CA SER A 18 28.30 -29.16 28.43
C SER A 18 28.57 -27.76 27.81
N SER A 19 29.72 -27.65 27.12
CA SER A 19 30.16 -26.43 26.44
C SER A 19 31.18 -26.82 25.37
N TYR A 20 31.69 -25.85 24.62
CA TYR A 20 32.63 -26.15 23.54
C TYR A 20 33.99 -25.46 23.59
N HIS A 21 35.00 -26.13 23.06
CA HIS A 21 36.33 -25.58 23.03
C HIS A 21 36.92 -25.77 21.64
N GLY A 22 37.53 -24.73 21.08
CA GLY A 22 38.17 -24.86 19.78
C GLY A 22 39.67 -25.01 20.02
N THR A 23 40.32 -25.93 19.31
CA THR A 23 41.74 -26.19 19.47
C THR A 23 42.50 -26.22 18.14
N LYS A 24 43.81 -26.13 18.23
CA LYS A 24 44.71 -26.07 17.07
C LYS A 24 45.06 -27.39 16.45
N PRO A 25 45.53 -27.36 15.19
CA PRO A 25 45.90 -28.60 14.53
C PRO A 25 46.98 -29.28 15.41
N GLY A 26 46.96 -30.62 15.51
CA GLY A 26 47.93 -31.33 16.32
C GLY A 26 47.46 -31.68 17.73
N TYR A 27 46.43 -30.97 18.23
CA TYR A 27 45.86 -31.18 19.56
C TYR A 27 44.43 -31.69 19.62
N VAL A 28 43.80 -31.87 18.46
CA VAL A 28 42.42 -32.32 18.40
C VAL A 28 42.25 -33.70 18.99
N ASP A 29 43.29 -34.53 18.86
CA ASP A 29 43.31 -35.90 19.36
C ASP A 29 43.78 -35.97 20.79
N SER A 30 44.89 -35.29 21.10
CA SER A 30 45.43 -35.30 22.47
C SER A 30 44.55 -34.61 23.53
N ILE A 31 43.71 -33.64 23.12
CA ILE A 31 42.84 -32.92 24.06
C ILE A 31 41.68 -33.80 24.52
N GLN A 32 41.32 -34.79 23.72
CA GLN A 32 40.26 -35.68 24.09
C GLN A 32 40.64 -36.67 25.20
N LYS A 33 41.93 -36.65 25.57
CA LYS A 33 42.51 -37.47 26.64
C LYS A 33 42.27 -36.78 28.00
N GLY A 34 42.11 -35.46 27.97
CA GLY A 34 41.83 -34.73 29.20
C GLY A 34 42.20 -33.27 29.15
N ILE A 35 41.50 -32.44 29.93
CA ILE A 35 41.81 -31.01 29.98
C ILE A 35 42.89 -30.85 31.04
N GLN A 36 43.94 -30.13 30.68
CA GLN A 36 45.07 -29.92 31.57
C GLN A 36 45.78 -28.63 31.22
N LYS A 37 46.09 -27.85 32.25
CA LYS A 37 46.80 -26.60 32.10
C LYS A 37 48.13 -26.79 31.39
N PRO A 38 48.26 -26.27 30.16
CA PRO A 38 49.49 -26.41 29.39
C PRO A 38 50.70 -25.68 30.00
N ASP A 47 45.68 -11.76 33.07
CA ASP A 47 46.36 -11.85 34.40
C ASP A 47 46.08 -13.19 35.09
N ASP A 48 46.72 -13.40 36.24
CA ASP A 48 46.57 -14.61 37.02
C ASP A 48 45.14 -14.84 37.45
N ASP A 49 44.48 -13.75 37.78
CA ASP A 49 43.08 -13.78 38.21
C ASP A 49 42.24 -14.51 37.20
N TRP A 50 42.70 -14.54 35.95
CA TRP A 50 41.95 -15.15 34.89
C TRP A 50 42.53 -16.36 34.24
N LYS A 51 43.45 -17.04 34.92
CA LYS A 51 44.07 -18.26 34.37
C LYS A 51 43.03 -19.37 34.44
N GLY A 52 42.60 -19.87 33.28
CA GLY A 52 41.61 -20.93 33.32
C GLY A 52 41.36 -21.54 31.96
N PHE A 53 40.56 -22.61 31.93
CA PHE A 53 40.22 -23.27 30.69
C PHE A 53 39.02 -22.52 30.05
N TYR A 54 39.12 -22.19 28.77
CA TYR A 54 38.06 -21.42 28.10
C TYR A 54 37.22 -22.16 27.09
N SER A 55 35.90 -22.14 27.34
CA SER A 55 34.92 -22.75 26.47
C SER A 55 33.79 -21.71 26.21
N THR A 56 32.83 -22.06 25.38
CA THR A 56 31.74 -21.17 25.07
C THR A 56 30.55 -22.07 24.84
N ASP A 57 29.37 -21.48 24.75
CA ASP A 57 28.19 -22.27 24.51
C ASP A 57 27.96 -22.43 23.01
N ASN A 58 28.72 -21.69 22.22
CA ASN A 58 28.56 -21.70 20.79
C ASN A 58 29.74 -22.41 20.13
N LYS A 59 29.44 -23.49 19.41
CA LYS A 59 30.43 -24.31 18.73
C LYS A 59 31.05 -23.67 17.54
N TYR A 60 30.31 -22.76 16.92
CA TYR A 60 30.82 -22.04 15.76
C TYR A 60 31.64 -20.85 16.23
N ASP A 61 31.49 -20.46 17.50
CA ASP A 61 32.27 -19.38 18.08
C ASP A 61 33.60 -20.03 18.51
N ALA A 62 33.50 -21.28 18.96
CA ALA A 62 34.64 -22.12 19.35
C ALA A 62 35.53 -22.34 18.12
N ALA A 63 34.91 -22.62 16.99
CA ALA A 63 35.63 -22.85 15.75
C ALA A 63 36.70 -21.78 15.43
N GLY A 64 36.40 -20.52 15.75
CA GLY A 64 37.32 -19.42 15.46
C GLY A 64 38.63 -19.45 16.23
N TYR A 65 38.68 -20.25 17.28
CA TYR A 65 39.89 -20.42 18.10
C TYR A 65 40.77 -21.58 17.65
N SER A 66 40.47 -22.19 16.49
CA SER A 66 41.20 -23.35 15.98
C SER A 66 42.32 -23.13 14.95
N VAL A 67 42.58 -21.89 14.55
CA VAL A 67 43.61 -21.64 13.54
C VAL A 67 45.04 -21.61 14.03
N ASP A 68 45.89 -22.34 13.33
CA ASP A 68 47.32 -22.43 13.56
C ASP A 68 47.84 -21.11 14.09
N ASN A 69 48.29 -21.09 15.34
CA ASN A 69 48.77 -19.84 15.95
C ASN A 69 49.85 -19.05 15.19
N GLU A 70 50.59 -19.70 14.30
CA GLU A 70 51.64 -18.98 13.59
C GLU A 70 51.19 -18.53 12.23
N ASN A 71 49.96 -18.87 11.86
CA ASN A 71 49.37 -18.48 10.60
C ASN A 71 47.90 -18.25 10.89
N PRO A 72 47.60 -17.25 11.73
CA PRO A 72 46.22 -16.93 12.11
C PRO A 72 45.29 -16.52 10.98
N LEU A 73 45.85 -15.92 9.93
CA LEU A 73 45.06 -15.48 8.76
C LEU A 73 44.67 -16.58 7.81
N SER A 74 45.66 -17.26 7.25
CA SER A 74 45.47 -18.33 6.26
C SER A 74 45.72 -19.75 6.78
N GLY A 75 46.31 -19.85 7.95
CA GLY A 75 46.62 -21.15 8.51
C GLY A 75 45.54 -22.21 8.55
N LYS A 76 45.94 -23.43 8.90
CA LYS A 76 45.05 -24.56 9.00
C LYS A 76 44.31 -24.55 10.35
N ALA A 77 43.03 -24.93 10.30
CA ALA A 77 42.14 -24.98 11.46
C ALA A 77 42.08 -26.41 11.99
N GLY A 78 42.22 -26.56 13.30
CA GLY A 78 42.20 -27.86 13.93
C GLY A 78 40.81 -28.42 14.16
N GLY A 79 40.18 -28.02 15.27
CA GLY A 79 38.85 -28.54 15.54
C GLY A 79 38.11 -28.00 16.74
N VAL A 80 36.93 -28.57 16.98
CA VAL A 80 36.08 -28.21 18.10
C VAL A 80 35.74 -29.50 18.90
N VAL A 81 35.88 -29.45 20.22
CA VAL A 81 35.55 -30.58 21.07
C VAL A 81 34.50 -30.18 22.10
N LYS A 82 33.67 -31.13 22.53
CA LYS A 82 32.64 -30.87 23.53
C LYS A 82 33.13 -31.37 24.88
N VAL A 83 33.09 -30.50 25.89
CA VAL A 83 33.56 -30.86 27.22
C VAL A 83 32.39 -30.87 28.18
N THR A 84 32.16 -32.01 28.81
CA THR A 84 31.05 -32.21 29.73
C THR A 84 31.49 -32.54 31.19
N TYR A 85 30.88 -31.85 32.14
CA TYR A 85 31.12 -32.06 33.54
C TYR A 85 30.02 -33.00 34.08
N PRO A 86 30.39 -34.17 34.61
CA PRO A 86 29.37 -35.08 35.15
C PRO A 86 28.80 -34.48 36.43
N GLY A 87 27.62 -34.91 36.85
CA GLY A 87 27.03 -34.36 38.06
C GLY A 87 26.43 -32.98 37.89
N LEU A 88 26.34 -32.24 39.00
CA LEU A 88 25.78 -30.88 39.00
C LEU A 88 26.86 -29.83 38.94
N THR A 89 26.73 -28.90 38.00
CA THR A 89 27.68 -27.79 37.84
C THR A 89 26.89 -26.46 38.03
N LYS A 90 27.43 -25.54 38.82
CA LYS A 90 26.81 -24.23 39.03
C LYS A 90 27.44 -23.19 38.09
N VAL A 91 26.67 -22.63 37.17
CA VAL A 91 27.13 -21.60 36.24
C VAL A 91 26.83 -20.26 36.92
N LEU A 92 27.88 -19.57 37.37
CA LEU A 92 27.72 -18.31 38.04
C LEU A 92 27.97 -17.26 37.00
N ALA A 93 26.93 -16.50 36.69
CA ALA A 93 26.99 -15.44 35.70
C ALA A 93 27.46 -14.16 36.36
N LEU A 94 28.50 -13.56 35.78
CA LEU A 94 29.07 -12.32 36.26
C LEU A 94 28.61 -11.09 35.48
N LYS A 95 28.37 -10.00 36.22
CA LYS A 95 27.92 -8.72 35.67
C LYS A 95 29.10 -7.77 35.42
N VAL A 96 30.29 -8.22 35.79
CA VAL A 96 31.50 -7.45 35.59
C VAL A 96 32.65 -8.41 35.32
N ASP A 97 33.66 -7.93 34.60
CA ASP A 97 34.82 -8.77 34.31
C ASP A 97 36.08 -8.28 35.03
N ASN A 98 35.90 -7.33 35.94
CA ASN A 98 37.02 -6.80 36.72
C ASN A 98 37.19 -7.70 37.96
N ALA A 99 38.28 -8.45 38.01
CA ALA A 99 38.50 -9.38 39.11
C ALA A 99 38.62 -8.80 40.51
N GLU A 100 39.13 -7.58 40.65
CA GLU A 100 39.26 -6.99 41.98
C GLU A 100 37.87 -6.67 42.49
N THR A 101 37.02 -6.18 41.59
CA THR A 101 35.65 -5.87 41.95
C THR A 101 34.94 -7.16 42.39
N ILE A 102 35.15 -8.23 41.63
CA ILE A 102 34.54 -9.51 41.92
C ILE A 102 34.99 -10.03 43.29
N LYS A 103 36.30 -10.20 43.48
CA LYS A 103 36.83 -10.67 44.75
C LYS A 103 36.36 -9.81 45.90
N LYS A 104 36.37 -8.49 45.72
CA LYS A 104 35.90 -7.61 46.78
C LYS A 104 34.42 -7.84 47.07
N GLU A 105 33.56 -7.57 46.09
CA GLU A 105 32.12 -7.74 46.27
C GLU A 105 31.67 -9.12 46.74
N LEU A 106 32.43 -10.16 46.38
CA LEU A 106 32.10 -11.52 46.79
C LEU A 106 32.82 -11.83 48.10
N GLY A 107 33.46 -10.80 48.63
CA GLY A 107 34.19 -10.88 49.89
C GLY A 107 35.35 -11.84 49.87
N LEU A 108 35.79 -12.22 48.68
CA LEU A 108 36.90 -13.15 48.51
C LEU A 108 38.22 -12.53 49.01
N SER A 109 39.27 -13.35 49.10
CA SER A 109 40.59 -12.86 49.53
C SER A 109 41.05 -11.97 48.40
N LEU A 110 41.30 -10.70 48.67
CA LEU A 110 41.70 -9.78 47.63
C LEU A 110 43.07 -9.99 47.06
N THR A 111 43.73 -11.05 47.52
CA THR A 111 45.08 -11.36 47.05
C THR A 111 45.15 -12.57 46.08
N GLU A 112 44.65 -13.73 46.48
CA GLU A 112 44.71 -14.91 45.62
C GLU A 112 43.97 -14.72 44.28
N PRO A 113 44.48 -15.32 43.18
CA PRO A 113 43.84 -15.17 41.87
C PRO A 113 42.41 -15.61 41.91
N LEU A 114 41.52 -14.78 41.36
CA LEU A 114 40.10 -15.07 41.33
C LEU A 114 39.78 -16.50 40.89
N MET A 115 40.29 -16.89 39.74
CA MET A 115 40.03 -18.23 39.23
C MET A 115 40.57 -19.29 40.17
N GLU A 116 41.71 -19.00 40.79
CA GLU A 116 42.27 -19.95 41.73
C GLU A 116 41.30 -20.12 42.87
N GLN A 117 40.71 -19.01 43.30
CA GLN A 117 39.75 -19.08 44.37
C GLN A 117 38.45 -19.77 43.94
N VAL A 118 38.12 -19.70 42.63
CA VAL A 118 36.90 -20.34 42.11
C VAL A 118 36.90 -21.86 42.23
N GLY A 119 38.08 -22.46 42.30
CA GLY A 119 38.19 -23.91 42.43
C GLY A 119 38.38 -24.42 43.86
N THR A 120 38.11 -23.59 44.87
CA THR A 120 38.25 -23.97 46.27
C THR A 120 36.93 -24.56 46.76
N GLU A 121 37.01 -25.42 47.77
CA GLU A 121 35.84 -26.06 48.36
C GLU A 121 34.91 -24.99 48.94
N GLU A 122 35.49 -24.11 49.72
CA GLU A 122 34.77 -23.01 50.35
C GLU A 122 33.94 -22.21 49.35
N PHE A 123 34.58 -21.77 48.27
CA PHE A 123 33.93 -21.01 47.22
C PHE A 123 32.82 -21.82 46.57
N ILE A 124 33.04 -23.12 46.37
CA ILE A 124 32.05 -24.01 45.78
C ILE A 124 30.92 -24.30 46.75
N LYS A 125 31.25 -24.24 48.02
CA LYS A 125 30.28 -24.45 49.06
C LYS A 125 29.40 -23.21 49.06
N ARG A 126 30.03 -22.03 49.09
CA ARG A 126 29.29 -20.76 49.11
C ARG A 126 28.40 -20.45 47.88
N PHE A 127 28.94 -20.47 46.66
CA PHE A 127 28.16 -20.14 45.46
C PHE A 127 27.85 -21.30 44.53
N GLY A 128 28.13 -22.53 44.95
CA GLY A 128 27.87 -23.67 44.07
C GLY A 128 26.45 -24.20 44.18
N ASP A 129 25.76 -23.87 45.27
CA ASP A 129 24.40 -24.35 45.51
C ASP A 129 24.28 -25.87 45.36
N GLY A 130 25.25 -26.58 45.95
CA GLY A 130 25.25 -28.03 45.89
C GLY A 130 25.91 -28.63 44.68
N ALA A 131 26.23 -27.81 43.68
CA ALA A 131 26.85 -28.34 42.48
C ALA A 131 28.24 -28.72 42.86
N SER A 132 28.81 -29.66 42.10
CA SER A 132 30.17 -30.15 42.33
C SER A 132 31.24 -29.08 42.10
N ARG A 133 30.96 -28.12 41.23
CA ARG A 133 31.89 -27.03 40.99
C ARG A 133 31.16 -25.81 40.45
N VAL A 134 31.92 -24.76 40.22
CA VAL A 134 31.39 -23.53 39.71
C VAL A 134 32.22 -23.10 38.49
N VAL A 135 31.51 -22.67 37.47
CA VAL A 135 32.11 -22.22 36.23
C VAL A 135 31.62 -20.80 36.09
N LEU A 136 32.54 -19.89 35.82
CA LEU A 136 32.17 -18.51 35.64
C LEU A 136 31.54 -18.29 34.24
N SER A 137 30.52 -17.45 34.19
CA SER A 137 29.84 -17.14 32.94
C SER A 137 30.00 -15.66 32.69
N LEU A 138 30.30 -15.30 31.45
CA LEU A 138 30.45 -13.90 31.06
C LEU A 138 29.90 -13.73 29.64
N PRO A 139 29.39 -12.53 29.30
CA PRO A 139 28.89 -12.38 27.93
C PRO A 139 30.08 -12.67 26.98
N PHE A 140 29.88 -13.41 25.90
CA PHE A 140 30.98 -13.72 24.98
C PHE A 140 31.59 -12.47 24.35
N ALA A 141 30.74 -11.57 23.88
CA ALA A 141 31.24 -10.37 23.26
C ALA A 141 30.10 -9.43 22.96
N GLU A 142 30.45 -8.18 22.66
CA GLU A 142 29.47 -7.18 22.29
C GLU A 142 29.04 -7.57 20.90
N GLY A 143 27.74 -7.73 20.69
CA GLY A 143 27.27 -8.12 19.37
C GLY A 143 27.04 -9.61 19.24
N SER A 144 27.25 -10.32 20.37
CA SER A 144 27.04 -11.76 20.47
C SER A 144 26.08 -12.12 21.61
N SER A 145 25.28 -13.15 21.37
CA SER A 145 24.36 -13.63 22.36
C SER A 145 25.01 -14.84 23.01
N SER A 146 26.21 -15.18 22.58
CA SER A 146 26.96 -16.32 23.13
C SER A 146 27.52 -15.95 24.49
N VAL A 147 27.91 -16.96 25.28
CA VAL A 147 28.53 -16.73 26.60
C VAL A 147 29.91 -17.35 26.60
N GLU A 148 30.74 -16.88 27.51
CA GLU A 148 32.07 -17.41 27.64
C GLU A 148 32.13 -18.05 29.04
N TYR A 149 32.60 -19.30 29.08
CA TYR A 149 32.73 -20.03 30.32
C TYR A 149 34.19 -20.05 30.73
N ILE A 150 34.42 -19.87 32.01
CA ILE A 150 35.78 -19.90 32.52
C ILE A 150 35.89 -20.97 33.57
N ASN A 151 36.52 -22.07 33.18
CA ASN A 151 36.70 -23.23 34.03
C ASN A 151 37.99 -23.14 34.87
N ASN A 152 37.89 -23.57 36.12
CA ASN A 152 39.05 -23.60 37.00
C ASN A 152 39.85 -24.81 36.51
N TRP A 153 41.15 -24.65 36.28
CA TRP A 153 42.01 -25.73 35.78
C TRP A 153 41.90 -27.08 36.50
N GLU A 154 41.82 -27.07 37.84
CA GLU A 154 41.71 -28.31 38.60
C GLU A 154 40.38 -29.02 38.37
N GLN A 155 39.28 -28.27 38.52
CA GLN A 155 37.94 -28.80 38.30
C GLN A 155 37.78 -29.27 36.86
N ALA A 156 38.43 -28.58 35.92
CA ALA A 156 38.40 -28.94 34.49
C ALA A 156 38.95 -30.35 34.25
N LYS A 157 39.68 -30.86 35.23
CA LYS A 157 40.21 -32.22 35.10
C LYS A 157 39.10 -33.29 35.06
N ALA A 158 37.91 -32.93 35.52
CA ALA A 158 36.74 -33.83 35.55
C ALA A 158 35.93 -33.86 34.23
N LEU A 159 36.28 -32.98 33.30
CA LEU A 159 35.61 -32.86 32.03
C LEU A 159 35.74 -34.08 31.13
N SER A 160 34.65 -34.44 30.47
CA SER A 160 34.63 -35.54 29.52
C SER A 160 34.76 -34.79 28.17
N VAL A 161 35.73 -35.16 27.34
CA VAL A 161 35.95 -34.49 26.08
C VAL A 161 35.56 -35.37 24.93
N GLU A 162 34.65 -34.87 24.09
CA GLU A 162 34.18 -35.58 22.91
C GLU A 162 34.48 -34.69 21.70
N LEU A 163 34.61 -35.26 20.52
CA LEU A 163 34.92 -34.47 19.34
C LEU A 163 33.68 -33.91 18.67
N GLU A 164 33.74 -32.64 18.28
CA GLU A 164 32.63 -32.05 17.55
C GLU A 164 32.98 -32.18 16.09
N ILE A 165 34.13 -31.63 15.69
CA ILE A 165 34.58 -31.69 14.31
C ILE A 165 36.06 -31.44 14.21
N ASN A 166 36.68 -32.03 13.20
CA ASN A 166 38.11 -31.89 12.91
C ASN A 166 38.13 -31.35 11.50
N PHE A 167 38.46 -30.06 11.34
CA PHE A 167 38.44 -29.44 10.03
C PHE A 167 39.49 -30.05 9.13
N GLU A 168 40.58 -30.49 9.72
CA GLU A 168 41.63 -31.09 8.94
C GLU A 168 41.19 -32.40 8.30
N THR A 169 40.41 -33.21 9.02
CA THR A 169 39.90 -34.47 8.49
C THR A 169 38.98 -34.26 7.29
N ARG A 170 38.32 -33.10 7.21
CA ARG A 170 37.43 -32.78 6.09
C ARG A 170 38.23 -32.67 4.79
N GLY A 171 39.55 -32.60 4.91
CA GLY A 171 40.45 -32.52 3.77
C GLY A 171 40.16 -31.48 2.70
N LYS A 172 39.64 -30.32 3.09
CA LYS A 172 39.33 -29.28 2.11
C LYS A 172 40.44 -28.24 2.02
N ARG A 173 40.41 -27.40 0.97
CA ARG A 173 41.44 -26.37 0.83
C ARG A 173 41.23 -25.18 1.79
N GLY A 174 42.30 -24.41 1.99
CA GLY A 174 42.29 -23.23 2.86
C GLY A 174 41.56 -23.42 4.16
N GLN A 175 40.72 -22.45 4.51
CA GLN A 175 39.93 -22.57 5.73
C GLN A 175 38.47 -22.89 5.38
N ASP A 176 38.28 -23.54 4.22
CA ASP A 176 36.97 -23.95 3.71
C ASP A 176 36.18 -24.77 4.72
N ALA A 177 36.84 -25.74 5.35
CA ALA A 177 36.16 -26.59 6.32
C ALA A 177 35.62 -25.80 7.54
N MET A 178 36.40 -24.83 8.03
CA MET A 178 36.01 -24.01 9.18
C MET A 178 34.84 -23.06 8.87
N TYR A 179 34.95 -22.33 7.77
CA TYR A 179 33.93 -21.40 7.32
C TYR A 179 32.59 -22.03 6.85
N GLU A 180 32.66 -23.20 6.23
CA GLU A 180 31.44 -23.86 5.81
C GLU A 180 30.69 -24.42 7.03
N TYR A 181 31.43 -24.72 8.09
CA TYR A 181 30.89 -25.24 9.35
C TYR A 181 30.19 -24.10 10.09
N MET A 182 30.88 -22.97 10.17
CA MET A 182 30.31 -21.82 10.85
C MET A 182 29.03 -21.38 10.13
N ALA A 183 29.05 -21.50 8.80
CA ALA A 183 27.92 -21.14 7.94
C ALA A 183 26.72 -21.99 8.29
N GLN A 184 26.95 -23.14 8.92
CA GLN A 184 25.86 -24.01 9.32
C GLN A 184 25.01 -23.31 10.36
N ALA A 185 25.57 -22.27 10.98
CA ALA A 185 24.85 -21.52 12.00
C ALA A 185 23.51 -21.00 11.48
N CYS A 186 23.49 -20.43 10.29
CA CYS A 186 22.25 -19.95 9.75
C CYS A 186 21.64 -20.90 8.74
N ALA A 187 21.81 -22.21 8.97
CA ALA A 187 21.30 -23.27 8.08
C ALA A 187 22.05 -23.32 6.76
N SER A 200 19.40 -13.91 6.27
CA SER A 200 19.55 -15.01 5.27
C SER A 200 20.74 -15.86 5.72
N CYS A 201 21.33 -16.59 4.77
CA CYS A 201 22.48 -17.40 5.07
C CYS A 201 23.24 -17.57 3.79
N ILE A 202 24.53 -17.27 3.84
CA ILE A 202 25.40 -17.45 2.72
C ILE A 202 26.03 -18.77 3.05
N ASN A 203 25.58 -19.80 2.36
CA ASN A 203 26.09 -21.14 2.55
C ASN A 203 26.64 -21.56 1.16
N LEU A 204 27.86 -21.16 0.86
CA LEU A 204 28.49 -21.46 -0.43
C LEU A 204 29.43 -22.65 -0.42
N ASP A 205 29.47 -23.36 -1.54
CA ASP A 205 30.34 -24.51 -1.69
C ASP A 205 31.59 -24.01 -2.36
N TRP A 206 32.62 -23.80 -1.55
CA TRP A 206 33.91 -23.30 -2.05
C TRP A 206 34.71 -24.20 -2.96
N ASP A 207 34.45 -25.51 -2.89
CA ASP A 207 35.11 -26.48 -3.76
C ASP A 207 34.60 -26.20 -5.18
N VAL A 208 33.28 -26.02 -5.30
CA VAL A 208 32.61 -25.71 -6.56
C VAL A 208 33.10 -24.36 -7.07
N ILE A 209 33.17 -23.36 -6.19
CA ILE A 209 33.63 -22.02 -6.56
C ILE A 209 35.10 -22.04 -6.97
N ARG A 210 35.91 -22.82 -6.26
CA ARG A 210 37.33 -22.96 -6.54
C ARG A 210 37.53 -23.60 -7.90
N ASP A 211 36.75 -24.62 -8.19
CA ASP A 211 36.84 -25.30 -9.48
C ASP A 211 36.31 -24.41 -10.64
N LYS A 212 35.19 -23.72 -10.46
CA LYS A 212 34.68 -22.86 -11.52
C LYS A 212 35.63 -21.73 -11.83
N THR A 213 36.30 -21.23 -10.80
CA THR A 213 37.24 -20.12 -10.93
C THR A 213 38.39 -20.46 -11.88
N LYS A 214 39.00 -21.62 -11.67
CA LYS A 214 40.11 -22.10 -12.49
C LYS A 214 39.67 -22.26 -13.95
N THR A 215 38.54 -22.92 -14.16
CA THR A 215 37.96 -23.13 -15.49
C THR A 215 37.77 -21.80 -16.24
N LYS A 216 37.18 -20.82 -15.57
CA LYS A 216 36.90 -19.53 -16.17
C LYS A 216 38.16 -18.77 -16.51
N ILE A 217 39.13 -18.80 -15.61
CA ILE A 217 40.39 -18.11 -15.85
C ILE A 217 41.02 -18.67 -17.13
N GLU A 218 41.00 -20.00 -17.22
CA GLU A 218 41.52 -20.75 -18.35
C GLU A 218 40.84 -20.28 -19.63
N SER A 219 39.52 -20.30 -19.66
CA SER A 219 38.76 -19.88 -20.84
C SER A 219 39.02 -18.42 -21.27
N LEU A 220 39.28 -17.57 -20.28
CA LEU A 220 39.52 -16.16 -20.55
C LEU A 220 40.89 -15.91 -21.20
N LYS A 221 41.93 -16.51 -20.62
CA LYS A 221 43.33 -16.41 -21.10
C LYS A 221 43.44 -16.87 -22.55
N GLU A 222 42.76 -17.99 -22.81
CA GLU A 222 42.72 -18.60 -24.12
C GLU A 222 41.46 -18.03 -24.78
N HIS A 223 41.50 -16.76 -25.13
CA HIS A 223 40.34 -16.18 -25.77
C HIS A 223 40.70 -15.06 -26.72
N GLY A 224 40.32 -15.25 -27.99
CA GLY A 224 40.57 -14.29 -29.04
C GLY A 224 40.63 -12.83 -28.63
N PRO A 225 39.49 -12.17 -28.44
CA PRO A 225 39.43 -10.75 -28.07
C PRO A 225 40.24 -10.38 -26.82
N ILE A 226 40.26 -11.28 -25.83
CA ILE A 226 41.00 -11.05 -24.59
C ILE A 226 42.49 -11.10 -24.92
N LYS A 227 42.93 -12.14 -25.60
CA LYS A 227 44.34 -12.26 -25.98
C LYS A 227 44.68 -11.07 -26.84
N ASN A 228 43.76 -10.65 -27.71
CA ASN A 228 43.97 -9.51 -28.58
C ASN A 228 44.17 -8.25 -27.76
N LYS A 229 43.33 -8.10 -26.73
CA LYS A 229 43.39 -6.95 -25.83
C LYS A 229 44.71 -6.94 -25.05
N MET A 230 45.17 -8.14 -24.72
CA MET A 230 46.39 -8.30 -23.97
C MET A 230 47.56 -7.85 -24.80
N SER A 231 47.52 -8.16 -26.11
CA SER A 231 48.58 -7.78 -27.05
C SER A 231 48.95 -6.31 -26.93
N GLU A 232 47.92 -5.49 -26.83
CA GLU A 232 48.03 -4.04 -26.73
C GLU A 232 48.47 -3.55 -25.36
N SER A 233 48.73 -4.47 -24.45
CA SER A 233 49.17 -4.08 -23.13
C SER A 233 50.55 -3.50 -23.29
N PRO A 234 50.81 -2.34 -22.68
CA PRO A 234 52.12 -1.69 -22.76
C PRO A 234 53.18 -2.68 -22.25
N ASN A 235 52.72 -3.64 -21.45
CA ASN A 235 53.54 -4.70 -20.86
C ASN A 235 54.85 -4.19 -20.26
N LYS A 236 54.80 -2.97 -19.74
CA LYS A 236 55.94 -2.33 -19.12
C LYS A 236 55.39 -1.31 -18.15
N THR A 237 56.21 -0.89 -17.21
CA THR A 237 55.80 0.08 -16.23
C THR A 237 55.26 1.32 -16.94
N VAL A 238 53.98 1.59 -16.72
CA VAL A 238 53.32 2.73 -17.31
C VAL A 238 52.81 3.54 -16.10
N SER A 239 52.21 4.70 -16.33
CA SER A 239 51.72 5.49 -15.20
C SER A 239 50.50 4.83 -14.60
N GLU A 240 50.14 5.23 -13.38
CA GLU A 240 48.97 4.64 -12.74
C GLU A 240 47.70 4.94 -13.50
N GLU A 241 47.58 6.19 -13.97
CA GLU A 241 46.39 6.59 -14.71
C GLU A 241 46.23 5.85 -16.05
N LYS A 242 47.35 5.47 -16.66
CA LYS A 242 47.31 4.74 -17.93
C LYS A 242 46.98 3.27 -17.63
N ALA A 243 47.51 2.77 -16.52
CA ALA A 243 47.28 1.40 -16.08
C ALA A 243 45.78 1.16 -15.95
N LYS A 244 45.11 2.03 -15.18
CA LYS A 244 43.66 1.94 -14.96
C LYS A 244 42.90 2.03 -16.25
N GLN A 245 43.40 2.87 -17.18
CA GLN A 245 42.80 3.06 -18.50
C GLN A 245 42.82 1.76 -19.30
N TYR A 246 43.98 1.13 -19.35
CA TYR A 246 44.12 -0.14 -20.05
C TYR A 246 43.24 -1.18 -19.34
N LEU A 247 43.35 -1.22 -18.02
CA LEU A 247 42.58 -2.16 -17.25
C LEU A 247 41.07 -2.03 -17.41
N GLU A 248 40.57 -0.82 -17.60
CA GLU A 248 39.12 -0.66 -17.76
C GLU A 248 38.61 -1.19 -19.10
N GLU A 249 39.48 -1.15 -20.11
CA GLU A 249 39.12 -1.63 -21.43
C GLU A 249 39.24 -3.14 -21.41
N PHE A 250 40.28 -3.63 -20.73
CA PHE A 250 40.49 -5.07 -20.60
C PHE A 250 39.28 -5.70 -19.91
N HIS A 251 38.85 -5.05 -18.83
CA HIS A 251 37.70 -5.49 -18.03
C HIS A 251 36.45 -5.58 -18.88
N GLN A 252 36.21 -4.52 -19.66
CA GLN A 252 35.05 -4.40 -20.54
C GLN A 252 35.04 -5.56 -21.53
N THR A 253 36.21 -5.81 -22.13
CA THR A 253 36.40 -6.89 -23.10
C THR A 253 36.17 -8.25 -22.44
N ALA A 254 36.74 -8.43 -21.25
CA ALA A 254 36.61 -9.69 -20.52
C ALA A 254 35.17 -10.04 -20.10
N LEU A 255 34.36 -9.01 -19.86
CA LEU A 255 32.96 -9.19 -19.41
C LEU A 255 32.01 -9.68 -20.52
N GLU A 256 32.48 -9.59 -21.76
CA GLU A 256 31.72 -10.04 -22.95
C GLU A 256 31.79 -11.58 -23.06
N HIS A 257 32.83 -12.15 -22.47
CA HIS A 257 33.01 -13.58 -22.50
C HIS A 257 31.74 -14.25 -21.99
N PRO A 258 31.30 -15.30 -22.69
CA PRO A 258 30.11 -16.08 -22.35
C PRO A 258 30.15 -16.61 -20.91
N GLU A 259 31.36 -16.88 -20.41
CA GLU A 259 31.59 -17.39 -19.06
C GLU A 259 31.29 -16.39 -17.96
N LEU A 260 31.37 -15.10 -18.29
CA LEU A 260 31.11 -14.04 -17.35
C LEU A 260 29.85 -13.28 -17.69
N SER A 261 28.88 -13.97 -18.29
CA SER A 261 27.62 -13.34 -18.68
C SER A 261 26.75 -12.90 -17.50
N GLU A 262 26.53 -13.79 -16.53
CA GLU A 262 25.73 -13.45 -15.35
C GLU A 262 26.34 -12.26 -14.62
N LEU A 263 27.65 -12.31 -14.40
CA LEU A 263 28.37 -11.21 -13.75
C LEU A 263 28.19 -9.92 -14.51
N LYS A 264 28.04 -10.00 -15.84
CA LYS A 264 27.84 -8.81 -16.64
C LYS A 264 26.48 -8.16 -16.33
N THR A 265 25.49 -9.00 -16.08
CA THR A 265 24.16 -8.54 -15.74
C THR A 265 24.14 -8.05 -14.33
N VAL A 266 24.64 -8.84 -13.39
CA VAL A 266 24.63 -8.43 -11.99
C VAL A 266 25.46 -7.20 -11.64
N THR A 267 26.51 -6.93 -12.40
CA THR A 267 27.36 -5.77 -12.14
C THR A 267 27.07 -4.56 -13.02
N GLY A 268 25.97 -4.63 -13.78
CA GLY A 268 25.61 -3.54 -14.68
C GLY A 268 25.10 -2.23 -14.10
N THR A 269 24.32 -2.32 -13.02
CA THR A 269 23.75 -1.14 -12.40
C THR A 269 24.50 -0.51 -11.19
N ASN A 270 24.71 -1.26 -10.12
CA ASN A 270 25.40 -0.73 -8.94
C ASN A 270 26.79 -0.21 -9.33
N PRO A 271 27.05 1.08 -9.10
CA PRO A 271 28.35 1.66 -9.44
C PRO A 271 29.56 1.05 -8.72
N VAL A 272 29.32 0.46 -7.57
CA VAL A 272 30.38 -0.17 -6.78
C VAL A 272 31.01 -1.36 -7.54
N PHE A 273 30.23 -1.96 -8.43
CA PHE A 273 30.64 -3.12 -9.19
C PHE A 273 31.16 -2.76 -10.58
N ALA A 274 31.34 -1.48 -10.85
CA ALA A 274 31.79 -1.02 -12.15
C ALA A 274 33.22 -1.41 -12.46
N GLY A 275 33.60 -1.29 -13.73
CA GLY A 275 34.95 -1.62 -14.14
C GLY A 275 36.07 -0.77 -13.55
N ALA A 276 35.76 0.48 -13.28
CA ALA A 276 36.73 1.40 -12.71
C ALA A 276 37.14 0.94 -11.33
N ASN A 277 36.21 0.28 -10.66
CA ASN A 277 36.45 -0.21 -9.31
C ASN A 277 37.30 -1.50 -9.35
N TYR A 278 37.04 -2.34 -10.36
CA TYR A 278 37.78 -3.57 -10.57
C TYR A 278 39.21 -3.15 -10.93
N ALA A 279 39.34 -2.18 -11.84
CA ALA A 279 40.65 -1.70 -12.27
C ALA A 279 41.39 -1.07 -11.12
N ALA A 280 40.66 -0.29 -10.32
CA ALA A 280 41.24 0.36 -9.16
C ALA A 280 41.79 -0.70 -8.20
N TRP A 281 40.97 -1.71 -7.92
CA TRP A 281 41.36 -2.78 -7.03
C TRP A 281 42.59 -3.50 -7.59
N ALA A 282 42.50 -3.89 -8.87
CA ALA A 282 43.57 -4.62 -9.55
C ALA A 282 44.93 -3.95 -9.49
N VAL A 283 44.97 -2.63 -9.73
CA VAL A 283 46.25 -1.91 -9.68
C VAL A 283 46.74 -1.79 -8.24
N ASN A 284 45.81 -1.63 -7.30
CA ASN A 284 46.14 -1.52 -5.90
C ASN A 284 46.84 -2.79 -5.40
N VAL A 285 46.36 -3.94 -5.86
CA VAL A 285 46.93 -5.24 -5.50
C VAL A 285 48.31 -5.34 -6.13
N ALA A 286 48.39 -5.17 -7.44
CA ALA A 286 49.66 -5.26 -8.15
C ALA A 286 50.73 -4.41 -7.51
N GLN A 287 50.30 -3.31 -6.90
CA GLN A 287 51.20 -2.35 -6.24
C GLN A 287 51.79 -2.78 -4.91
N VAL A 288 51.08 -3.60 -4.16
CA VAL A 288 51.54 -4.02 -2.83
C VAL A 288 52.12 -5.45 -2.76
N ILE A 289 52.19 -6.13 -3.90
CA ILE A 289 52.69 -7.48 -3.88
C ILE A 289 54.09 -7.60 -4.45
N ASP A 290 55.06 -7.71 -3.54
CA ASP A 290 56.42 -7.91 -3.95
C ASP A 290 56.57 -9.43 -3.99
N SER A 291 57.71 -9.91 -4.44
CA SER A 291 57.95 -11.35 -4.55
C SER A 291 57.82 -12.21 -3.28
N GLU A 292 58.43 -11.82 -2.17
CA GLU A 292 58.35 -12.62 -0.92
C GLU A 292 56.92 -12.74 -0.36
N THR A 293 56.14 -11.65 -0.49
CA THR A 293 54.74 -11.58 -0.06
C THR A 293 53.95 -12.60 -0.85
N ALA A 294 54.13 -12.54 -2.17
CA ALA A 294 53.48 -13.43 -3.14
C ALA A 294 53.79 -14.91 -2.95
N ASP A 295 54.94 -15.21 -2.37
CA ASP A 295 55.30 -16.61 -2.14
C ASP A 295 54.91 -17.10 -0.75
N ASN A 296 53.97 -16.39 -0.13
CA ASN A 296 53.49 -16.71 1.19
C ASN A 296 52.01 -16.38 1.26
N LEU A 297 51.20 -17.34 1.65
CA LEU A 297 49.77 -17.09 1.72
C LEU A 297 49.44 -16.13 2.84
N GLU A 298 50.12 -16.31 3.98
CA GLU A 298 49.93 -15.48 5.16
C GLU A 298 50.30 -14.03 4.84
N LYS A 299 51.41 -13.86 4.13
CA LYS A 299 51.90 -12.54 3.73
C LYS A 299 51.04 -11.90 2.67
N THR A 300 50.50 -12.69 1.74
CA THR A 300 49.59 -12.17 0.72
C THR A 300 48.31 -11.67 1.42
N THR A 301 47.72 -12.55 2.23
CA THR A 301 46.50 -12.24 2.96
C THR A 301 46.63 -11.00 3.83
N ALA A 302 47.72 -10.91 4.58
CA ALA A 302 47.91 -9.74 5.42
C ALA A 302 48.00 -8.47 4.55
N ALA A 303 48.60 -8.61 3.36
CA ALA A 303 48.79 -7.49 2.45
C ALA A 303 47.48 -7.05 1.85
N LEU A 304 46.71 -8.01 1.35
CA LEU A 304 45.43 -7.72 0.72
C LEU A 304 44.38 -7.24 1.71
N SER A 305 44.36 -7.82 2.90
CA SER A 305 43.37 -7.46 3.93
C SER A 305 43.24 -5.98 4.34
N ILE A 306 44.26 -5.17 4.02
CA ILE A 306 44.24 -3.77 4.38
C ILE A 306 43.96 -2.89 3.18
N LEU A 307 43.63 -3.51 2.05
CA LEU A 307 43.34 -2.72 0.87
C LEU A 307 41.87 -2.35 0.82
N PRO A 308 41.56 -1.16 0.29
CA PRO A 308 40.16 -0.74 0.17
C PRO A 308 39.59 -1.24 -1.17
N GLY A 309 38.28 -1.22 -1.32
CA GLY A 309 37.70 -1.64 -2.58
C GLY A 309 37.42 -3.11 -2.77
N ILE A 310 37.58 -3.90 -1.74
CA ILE A 310 37.33 -5.32 -1.90
C ILE A 310 35.83 -5.62 -2.15
N GLY A 311 34.95 -4.68 -1.76
CA GLY A 311 33.52 -4.84 -1.96
C GLY A 311 33.10 -4.90 -3.43
N SER A 312 33.88 -4.32 -4.34
CA SER A 312 33.56 -4.35 -5.77
C SER A 312 33.63 -5.73 -6.35
N VAL A 313 34.64 -6.49 -5.92
CA VAL A 313 34.83 -7.88 -6.39
C VAL A 313 33.98 -8.87 -5.56
N MET A 314 33.80 -8.62 -4.28
CA MET A 314 32.96 -9.50 -3.49
C MET A 314 31.47 -9.32 -3.85
N GLY A 315 31.15 -8.17 -4.45
CA GLY A 315 29.78 -7.80 -4.82
C GLY A 315 28.96 -7.46 -3.58
N ILE A 316 29.60 -6.76 -2.63
CA ILE A 316 28.96 -6.40 -1.36
C ILE A 316 28.76 -4.91 -1.28
N ALA A 317 27.51 -4.50 -1.15
CA ALA A 317 27.22 -3.07 -1.08
C ALA A 317 25.83 -2.90 -0.57
N ASP A 318 25.62 -1.74 0.04
CA ASP A 318 24.34 -1.31 0.60
C ASP A 318 23.79 -2.27 1.65
N GLY A 319 24.68 -2.95 2.35
CA GLY A 319 24.28 -3.88 3.38
C GLY A 319 23.91 -5.28 2.96
N ALA A 320 24.20 -5.64 1.71
CA ALA A 320 23.87 -6.97 1.20
C ALA A 320 24.99 -7.60 0.38
N VAL A 321 25.13 -8.93 0.49
CA VAL A 321 26.11 -9.68 -0.30
C VAL A 321 25.32 -10.00 -1.55
N HIS A 322 25.63 -9.31 -2.65
CA HIS A 322 24.91 -9.52 -3.89
C HIS A 322 25.37 -10.76 -4.67
N HIS A 323 26.66 -11.03 -4.67
CA HIS A 323 27.20 -12.22 -5.34
C HIS A 323 27.09 -13.34 -4.31
N ASN A 324 25.98 -14.04 -4.38
CA ASN A 324 25.71 -15.09 -3.44
C ASN A 324 25.46 -16.43 -4.12
N THR A 325 26.03 -16.62 -5.30
CA THR A 325 25.91 -17.91 -5.96
C THR A 325 27.33 -18.32 -6.32
N GLU A 326 27.60 -19.62 -6.30
CA GLU A 326 28.93 -20.18 -6.62
C GLU A 326 29.34 -19.74 -8.02
N GLU A 327 28.35 -19.71 -8.92
CA GLU A 327 28.60 -19.29 -10.29
C GLU A 327 29.05 -17.85 -10.40
N ILE A 328 28.31 -16.91 -9.79
CA ILE A 328 28.67 -15.49 -9.85
C ILE A 328 29.91 -15.12 -9.03
N VAL A 329 30.13 -15.82 -7.93
CA VAL A 329 31.31 -15.57 -7.11
C VAL A 329 32.54 -15.99 -7.91
N ALA A 330 32.50 -17.18 -8.52
CA ALA A 330 33.62 -17.69 -9.30
C ALA A 330 33.96 -16.85 -10.54
N GLN A 331 32.96 -16.15 -11.09
CA GLN A 331 33.19 -15.28 -12.25
C GLN A 331 33.86 -13.99 -11.81
N SER A 332 33.46 -13.50 -10.64
CA SER A 332 34.02 -12.27 -10.08
C SER A 332 35.49 -12.42 -9.72
N ILE A 333 35.83 -13.54 -9.08
CA ILE A 333 37.20 -13.87 -8.67
C ILE A 333 38.10 -14.14 -9.90
N ALA A 334 37.56 -14.86 -10.87
CA ALA A 334 38.28 -15.16 -12.10
C ALA A 334 38.58 -13.87 -12.83
N LEU A 335 37.62 -12.95 -12.82
CA LEU A 335 37.78 -11.67 -13.50
C LEU A 335 38.86 -10.80 -12.90
N SER A 336 38.91 -10.69 -11.57
CA SER A 336 39.93 -9.85 -10.91
C SER A 336 41.31 -10.49 -10.97
N SER A 337 41.33 -11.82 -10.99
CA SER A 337 42.55 -12.59 -11.12
C SER A 337 43.22 -12.21 -12.46
N LEU A 338 42.46 -12.27 -13.56
CA LEU A 338 42.96 -11.89 -14.91
C LEU A 338 43.49 -10.46 -14.92
N MET A 339 42.74 -9.56 -14.30
CA MET A 339 43.12 -8.14 -14.22
C MET A 339 44.35 -7.89 -13.33
N VAL A 340 44.47 -8.62 -12.22
CA VAL A 340 45.64 -8.46 -11.33
C VAL A 340 46.87 -8.85 -12.16
N ALA A 341 46.72 -9.91 -12.96
CA ALA A 341 47.80 -10.38 -13.83
C ALA A 341 48.21 -9.28 -14.85
N GLN A 342 47.21 -8.58 -15.39
CA GLN A 342 47.47 -7.49 -16.34
C GLN A 342 48.09 -6.30 -15.62
N ALA A 343 47.64 -6.04 -14.40
CA ALA A 343 48.12 -4.90 -13.64
C ALA A 343 49.53 -5.02 -13.13
N ILE A 344 49.98 -6.24 -12.89
CA ILE A 344 51.31 -6.45 -12.36
C ILE A 344 52.42 -5.85 -13.24
N PRO A 345 52.43 -6.14 -14.55
CA PRO A 345 53.51 -5.54 -15.37
C PRO A 345 53.43 -4.02 -15.59
N LEU A 346 52.25 -3.42 -15.39
CA LEU A 346 52.02 -1.99 -15.57
C LEU A 346 52.27 -1.15 -14.35
N VAL A 347 51.90 -1.67 -13.20
CA VAL A 347 52.06 -0.95 -11.93
C VAL A 347 52.53 -1.84 -10.78
N GLY A 348 53.32 -2.87 -11.10
CA GLY A 348 53.81 -3.80 -10.10
C GLY A 348 55.32 -4.02 -10.04
N GLU A 349 55.73 -5.13 -9.44
CA GLU A 349 57.15 -5.44 -9.27
C GLU A 349 57.56 -6.91 -9.36
N LEU A 350 56.60 -7.82 -9.51
CA LEU A 350 56.92 -9.24 -9.56
C LEU A 350 56.58 -9.87 -10.91
N VAL A 351 56.43 -11.19 -10.92
CA VAL A 351 56.02 -11.92 -12.13
C VAL A 351 54.58 -12.41 -11.90
N ASP A 352 53.63 -11.63 -12.42
CA ASP A 352 52.19 -11.92 -12.27
C ASP A 352 51.89 -13.39 -12.42
N ILE A 353 52.73 -14.05 -13.21
CA ILE A 353 52.67 -15.47 -13.53
C ILE A 353 51.79 -16.30 -12.59
N GLY A 354 52.39 -16.71 -11.48
CA GLY A 354 51.66 -17.52 -10.54
C GLY A 354 50.76 -16.71 -9.67
N PHE A 355 51.28 -15.64 -9.09
CA PHE A 355 50.52 -14.83 -8.17
C PHE A 355 49.04 -14.65 -8.48
N ALA A 356 48.74 -14.06 -9.64
CA ALA A 356 47.37 -13.82 -10.02
C ALA A 356 46.47 -15.06 -9.96
N ALA A 357 47.03 -16.22 -10.33
CA ALA A 357 46.26 -17.45 -10.35
C ALA A 357 46.50 -18.34 -9.14
N TYR A 358 47.57 -18.05 -8.40
CA TYR A 358 47.91 -18.85 -7.24
C TYR A 358 47.41 -18.25 -5.95
N ASN A 359 48.28 -17.50 -5.26
CA ASN A 359 47.97 -16.91 -3.96
C ASN A 359 46.98 -15.82 -3.97
N PHE A 360 46.86 -15.14 -5.09
CA PHE A 360 45.88 -14.08 -5.18
C PHE A 360 44.52 -14.73 -4.96
N VAL A 361 44.25 -15.78 -5.72
CA VAL A 361 42.98 -16.48 -5.61
C VAL A 361 42.76 -17.16 -4.28
N GLU A 362 43.83 -17.67 -3.69
CA GLU A 362 43.71 -18.35 -2.41
C GLU A 362 43.43 -17.33 -1.34
N SER A 363 44.16 -16.23 -1.38
CA SER A 363 44.00 -15.19 -0.38
C SER A 363 42.63 -14.51 -0.49
N ILE A 364 42.25 -14.08 -1.69
CA ILE A 364 40.95 -13.42 -1.83
C ILE A 364 39.77 -14.33 -1.40
N ILE A 365 39.84 -15.63 -1.68
CA ILE A 365 38.80 -16.59 -1.30
C ILE A 365 38.61 -16.54 0.19
N ASN A 366 39.72 -16.51 0.91
CA ASN A 366 39.74 -16.45 2.36
C ASN A 366 39.03 -15.19 2.86
N LEU A 367 39.34 -14.05 2.22
CA LEU A 367 38.76 -12.73 2.58
C LEU A 367 37.25 -12.68 2.38
N PHE A 368 36.77 -13.33 1.31
CA PHE A 368 35.34 -13.41 1.02
C PHE A 368 34.68 -14.10 2.18
N GLN A 369 35.28 -15.22 2.58
CA GLN A 369 34.79 -16.05 3.67
C GLN A 369 34.71 -15.30 4.99
N VAL A 370 35.66 -14.42 5.24
CA VAL A 370 35.68 -13.62 6.45
C VAL A 370 34.49 -12.68 6.44
N VAL A 371 34.27 -12.01 5.31
CA VAL A 371 33.16 -11.07 5.17
C VAL A 371 31.77 -11.71 5.09
N HIS A 372 31.68 -12.86 4.45
CA HIS A 372 30.41 -13.59 4.37
C HIS A 372 30.02 -14.04 5.80
N ASN A 373 31.02 -14.52 6.57
CA ASN A 373 30.79 -14.92 7.96
C ASN A 373 30.18 -13.74 8.76
N SER A 374 30.69 -12.52 8.56
CA SER A 374 30.19 -11.30 9.23
C SER A 374 28.74 -11.05 8.94
N TYR A 375 28.36 -11.14 7.67
CA TYR A 375 26.97 -10.93 7.24
C TYR A 375 26.04 -12.08 7.63
N ASN A 376 26.59 -13.27 7.88
CA ASN A 376 25.81 -14.44 8.33
C ASN A 376 25.46 -14.31 9.82
N ARG A 377 26.31 -13.58 10.55
CA ARG A 377 26.09 -13.34 11.96
C ARG A 377 25.02 -12.26 12.18
N PRO A 378 24.16 -12.47 13.17
CA PRO A 378 23.11 -11.53 13.53
C PRO A 378 23.72 -10.18 13.92
N ALA A 379 23.25 -9.11 13.30
CA ALA A 379 23.81 -7.82 13.55
C ALA A 379 22.71 -6.81 13.35
N TYR A 380 22.89 -5.62 13.92
CA TYR A 380 21.91 -4.54 13.75
C TYR A 380 22.30 -3.69 12.54
N SER A 381 21.32 -3.42 11.70
CA SER A 381 21.51 -2.60 10.52
C SER A 381 21.57 -1.17 10.96
N PRO A 382 22.07 -0.28 10.09
CA PRO A 382 22.16 1.14 10.44
C PRO A 382 20.83 1.69 10.92
N GLY A 383 20.87 2.57 11.91
CA GLY A 383 19.67 3.17 12.43
C GLY A 383 18.90 2.30 13.40
N HIS A 384 19.38 1.09 13.63
CA HIS A 384 18.74 0.18 14.58
C HIS A 384 19.56 0.21 15.86
N LYS A 385 18.87 0.12 16.99
CA LYS A 385 19.50 0.14 18.30
C LYS A 385 20.51 1.29 18.30
N THR A 386 21.71 1.14 18.82
CA THR A 386 22.64 2.26 18.76
C THR A 386 23.56 2.30 17.55
N GLN A 387 23.18 1.57 16.49
CA GLN A 387 23.98 1.54 15.25
C GLN A 387 23.67 2.77 14.36
N PRO A 388 24.71 3.54 13.98
CA PRO A 388 24.55 4.73 13.14
C PRO A 388 24.05 4.57 11.70
N PHE A 389 23.27 5.56 11.25
CA PHE A 389 22.79 5.62 9.89
C PHE A 389 23.72 6.70 9.36
N LEU A 390 24.51 6.31 8.36
CA LEU A 390 25.52 7.16 7.74
C LEU A 390 25.07 7.46 6.32
N HIS A 391 24.90 8.73 6.00
CA HIS A 391 24.38 9.04 4.68
C HIS A 391 24.46 10.53 4.36
N ASP A 392 24.91 10.86 3.15
CA ASP A 392 24.98 12.23 2.69
C ASP A 392 25.84 13.15 3.52
N GLY A 393 26.75 12.57 4.28
CA GLY A 393 27.64 13.35 5.12
C GLY A 393 27.23 13.43 6.57
N TYR A 394 25.99 13.02 6.87
CA TYR A 394 25.39 13.01 8.21
C TYR A 394 25.64 11.69 8.95
N ALA A 395 25.60 11.75 10.28
CA ALA A 395 25.71 10.53 11.09
C ALA A 395 24.59 10.68 12.12
N VAL A 396 23.62 9.76 12.14
CA VAL A 396 22.53 9.85 13.12
C VAL A 396 22.38 8.49 13.84
N SER A 397 21.99 8.50 15.11
CA SER A 397 21.80 7.26 15.86
C SER A 397 20.98 7.51 17.11
N TRP A 398 20.34 6.45 17.63
CA TRP A 398 19.57 6.58 18.86
C TRP A 398 20.61 6.71 19.93
N ASN A 399 20.43 7.65 20.83
CA ASN A 399 21.37 7.87 21.91
C ASN A 399 21.61 6.59 22.72
N THR A 400 20.56 5.84 22.99
CA THR A 400 20.71 4.61 23.75
C THR A 400 19.72 3.63 23.18
N VAL A 401 19.86 2.38 23.58
CA VAL A 401 18.95 1.35 23.13
C VAL A 401 17.53 1.68 23.61
N GLU A 402 17.39 2.15 24.85
CA GLU A 402 16.03 2.44 25.33
C GLU A 402 15.31 3.46 24.46
N ASP A 403 16.05 4.42 23.96
CA ASP A 403 15.53 5.47 23.10
C ASP A 403 14.89 4.93 21.85
N SER A 404 15.47 3.85 21.33
CA SER A 404 14.99 3.23 20.11
C SER A 404 13.73 2.38 20.30
N ILE A 405 13.28 2.28 21.55
CA ILE A 405 12.08 1.51 21.89
C ILE A 405 10.94 2.45 22.26
N ILE A 406 9.78 2.27 21.62
CA ILE A 406 8.58 3.04 21.97
C ILE A 406 7.70 2.07 22.77
N ARG A 407 7.56 2.31 24.07
CA ARG A 407 6.77 1.42 24.90
C ARG A 407 5.30 1.77 24.82
N THR A 408 4.46 0.73 24.89
CA THR A 408 3.01 0.86 24.78
C THR A 408 2.20 0.18 25.90
N GLY A 409 0.92 0.53 26.00
CA GLY A 409 0.12 -0.09 27.04
C GLY A 409 0.03 0.75 28.29
N PHE A 410 0.26 2.04 28.17
CA PHE A 410 0.16 2.91 29.32
C PHE A 410 -0.19 4.28 28.80
N GLN A 411 -0.79 5.10 29.68
CA GLN A 411 -1.16 6.48 29.39
C GLN A 411 0.02 7.25 29.92
N GLY A 412 0.61 8.09 29.11
CA GLY A 412 1.75 8.82 29.62
C GLY A 412 2.65 9.30 28.52
N GLU A 413 3.82 9.78 28.95
CA GLU A 413 4.81 10.32 28.04
C GLU A 413 6.05 9.47 27.97
N SER A 414 6.87 9.76 26.97
CA SER A 414 8.16 9.11 26.80
C SER A 414 9.02 10.03 25.94
N GLY A 415 10.32 10.02 26.19
CA GLY A 415 11.24 10.85 25.44
C GLY A 415 12.24 10.00 24.70
N HIS A 416 12.68 10.46 23.54
CA HIS A 416 13.60 9.67 22.74
C HIS A 416 14.67 10.55 22.13
N ASP A 417 15.92 10.33 22.56
CA ASP A 417 17.04 11.09 22.07
C ASP A 417 17.69 10.51 20.84
N ILE A 418 17.90 11.35 19.84
CA ILE A 418 18.52 10.99 18.59
C ILE A 418 19.74 11.88 18.37
N LYS A 419 20.91 11.29 18.26
CA LYS A 419 22.12 12.06 18.03
C LYS A 419 22.34 12.41 16.55
N ILE A 420 22.71 13.65 16.25
CA ILE A 420 22.90 14.07 14.86
C ILE A 420 24.16 14.91 14.60
N THR A 421 24.93 14.62 13.57
CA THR A 421 26.05 15.47 13.23
C THR A 421 26.35 15.23 11.77
N ALA A 422 27.29 15.97 11.22
CA ALA A 422 27.68 15.81 9.83
C ALA A 422 29.20 15.82 9.91
N GLU A 423 29.84 15.19 8.94
CA GLU A 423 31.29 15.03 8.88
C GLU A 423 32.25 16.22 8.80
N ASN A 424 31.84 17.26 8.08
CA ASN A 424 32.69 18.41 7.83
C ASN A 424 31.98 19.79 7.81
N THR A 425 31.66 20.28 6.60
CA THR A 425 30.99 21.56 6.46
C THR A 425 29.60 21.49 7.11
N PRO A 426 28.99 22.65 7.43
CA PRO A 426 27.68 22.79 8.06
C PRO A 426 26.56 22.34 7.17
N LEU A 427 25.83 21.30 7.57
CA LEU A 427 24.72 20.78 6.78
C LEU A 427 23.45 20.98 7.61
N PRO A 428 22.32 21.36 6.96
CA PRO A 428 21.06 21.61 7.64
C PRO A 428 20.21 20.44 7.97
N ILE A 429 19.38 20.62 8.99
CA ILE A 429 18.43 19.58 9.33
C ILE A 429 17.12 20.31 9.10
N ALA A 430 16.38 19.92 8.06
CA ALA A 430 15.11 20.57 7.74
C ALA A 430 14.08 20.27 8.81
N GLY A 431 14.12 19.07 9.37
CA GLY A 431 13.16 18.72 10.38
C GLY A 431 13.09 17.24 10.57
N VAL A 432 12.00 16.77 11.14
CA VAL A 432 11.83 15.36 11.40
C VAL A 432 10.40 14.85 11.21
N LEU A 433 10.25 13.72 10.51
CA LEU A 433 8.97 13.07 10.25
C LEU A 433 8.71 11.98 11.29
N LEU A 434 7.59 12.04 12.00
CA LEU A 434 7.31 11.03 13.02
C LEU A 434 6.00 10.29 12.82
N PRO A 435 6.06 8.94 12.93
CA PRO A 435 4.86 8.11 12.76
C PRO A 435 3.96 8.25 13.98
N THR A 436 2.65 8.28 13.77
CA THR A 436 1.72 8.41 14.86
C THR A 436 0.58 7.44 14.68
N ILE A 437 -0.32 7.49 15.64
CA ILE A 437 -1.58 6.74 15.67
C ILE A 437 -2.42 7.87 16.31
N PRO A 438 -2.97 8.80 15.49
CA PRO A 438 -3.78 9.94 15.96
C PRO A 438 -4.78 9.52 17.02
N GLY A 439 -4.61 10.07 18.22
CA GLY A 439 -5.49 9.72 19.33
C GLY A 439 -4.77 8.84 20.34
N LYS A 440 -4.17 7.72 19.89
CA LYS A 440 -3.46 6.79 20.78
C LYS A 440 -2.00 7.12 21.06
N LEU A 441 -1.21 7.35 20.01
CA LEU A 441 0.20 7.69 20.11
C LEU A 441 0.42 9.03 19.36
N ASP A 442 0.65 10.11 20.10
CA ASP A 442 0.82 11.43 19.51
C ASP A 442 2.16 12.06 19.87
N VAL A 443 2.53 13.11 19.13
CA VAL A 443 3.76 13.83 19.37
C VAL A 443 3.45 14.80 20.47
N ASN A 444 4.35 14.92 21.43
CA ASN A 444 4.14 15.89 22.48
C ASN A 444 4.96 17.09 22.01
N LYS A 445 4.27 18.01 21.33
CA LYS A 445 4.81 19.24 20.74
C LYS A 445 5.58 20.20 21.65
N SER A 446 5.29 20.17 22.95
CA SER A 446 5.98 21.03 23.90
C SER A 446 7.34 20.49 24.40
N LYS A 447 7.47 19.15 24.39
CA LYS A 447 8.68 18.47 24.85
C LYS A 447 9.55 18.01 23.70
N THR A 448 9.04 18.14 22.47
CA THR A 448 9.83 17.75 21.31
C THR A 448 10.66 18.94 20.89
N HIS A 449 11.98 18.80 20.87
CA HIS A 449 12.87 19.89 20.48
C HIS A 449 14.21 19.30 20.00
N ILE A 450 15.11 20.16 19.57
CA ILE A 450 16.41 19.73 19.09
C ILE A 450 17.45 20.73 19.63
N SER A 451 18.47 20.21 20.34
CA SER A 451 19.53 21.06 20.88
C SER A 451 20.79 20.92 20.05
N VAL A 452 21.28 22.05 19.52
CA VAL A 452 22.48 22.12 18.66
C VAL A 452 23.59 22.76 19.47
N ASN A 453 24.56 21.98 19.91
CA ASN A 453 25.65 22.49 20.75
C ASN A 453 25.09 23.19 21.98
N GLY A 454 23.93 22.72 22.44
CA GLY A 454 23.28 23.28 23.63
C GLY A 454 22.12 24.25 23.43
N ARG A 455 22.05 24.87 22.25
CA ARG A 455 20.99 25.81 21.94
C ARG A 455 19.74 25.02 21.74
N LYS A 456 18.83 25.06 22.72
CA LYS A 456 17.57 24.33 22.68
C LYS A 456 16.52 24.97 21.79
N ILE A 457 16.44 24.47 20.57
CA ILE A 457 15.52 24.97 19.58
C ILE A 457 14.14 24.31 19.67
N ARG A 458 13.11 25.14 19.75
CA ARG A 458 11.73 24.65 19.84
C ARG A 458 11.29 24.26 18.43
N MET A 459 10.25 23.44 18.31
CA MET A 459 9.82 22.99 17.00
C MET A 459 8.34 23.17 16.73
N ARG A 460 8.03 23.53 15.48
CA ARG A 460 6.65 23.69 14.99
C ARG A 460 6.31 22.36 14.30
N CYS A 461 5.45 21.58 14.95
CA CYS A 461 5.06 20.24 14.51
C CYS A 461 3.68 20.22 13.95
N ARG A 462 3.50 19.68 12.76
CA ARG A 462 2.17 19.64 12.19
C ARG A 462 1.84 18.27 11.57
N ALA A 463 0.63 17.81 11.82
CA ALA A 463 0.17 16.55 11.29
C ALA A 463 0.07 16.73 9.79
N ILE A 464 0.48 15.70 9.05
CA ILE A 464 0.50 15.76 7.61
C ILE A 464 -0.21 14.56 6.99
N ASP A 465 -0.14 14.44 5.67
CA ASP A 465 -0.79 13.31 5.01
C ASP A 465 -0.20 11.97 5.45
N GLY A 466 -1.07 11.10 5.96
CA GLY A 466 -0.66 9.75 6.31
C GLY A 466 -0.13 9.29 7.66
N ASP A 467 -0.64 9.82 8.77
CA ASP A 467 -0.20 9.37 10.09
C ASP A 467 1.26 9.64 10.37
N VAL A 468 1.67 10.83 9.99
CA VAL A 468 3.02 11.29 10.19
C VAL A 468 2.92 12.75 10.59
N THR A 469 3.74 13.16 11.57
CA THR A 469 3.77 14.54 12.00
C THR A 469 5.13 15.05 11.56
N PHE A 470 5.16 16.20 10.89
CA PHE A 470 6.42 16.76 10.45
C PHE A 470 6.70 17.91 11.39
N CYS A 471 7.84 17.86 12.09
CA CYS A 471 8.20 18.95 13.00
C CYS A 471 9.36 19.68 12.34
N ARG A 472 9.36 21.02 12.38
CA ARG A 472 10.44 21.84 11.80
C ARG A 472 11.06 22.66 12.89
N PRO A 473 12.41 22.89 12.87
CA PRO A 473 13.03 23.71 13.91
C PRO A 473 12.64 25.19 13.73
N LYS A 474 12.32 25.84 14.84
CA LYS A 474 11.94 27.23 14.85
C LYS A 474 13.06 28.13 14.29
N SER A 475 14.31 27.71 14.43
CA SER A 475 15.41 28.44 13.85
C SER A 475 16.29 27.45 13.09
N PRO A 476 17.14 27.95 12.19
CA PRO A 476 18.01 27.07 11.42
C PRO A 476 18.89 26.09 12.20
N VAL A 477 18.85 24.81 11.79
CA VAL A 477 19.69 23.78 12.42
C VAL A 477 20.72 23.32 11.42
N TYR A 478 21.99 23.43 11.79
CA TYR A 478 23.12 22.97 10.99
C TYR A 478 24.02 22.18 11.93
N VAL A 479 24.56 21.08 11.40
CA VAL A 479 25.46 20.22 12.12
C VAL A 479 26.67 20.00 11.22
N GLY A 480 27.78 19.54 11.78
CA GLY A 480 29.00 19.31 11.01
C GLY A 480 30.11 19.08 12.00
N ASN A 481 31.36 19.19 11.58
CA ASN A 481 32.52 18.98 12.47
C ASN A 481 32.53 20.04 13.60
N GLY A 482 32.36 19.60 14.84
CA GLY A 482 32.35 20.52 15.96
C GLY A 482 30.92 20.92 16.34
N VAL A 483 29.97 20.67 15.46
CA VAL A 483 28.57 21.00 15.71
C VAL A 483 27.68 19.76 15.65
N HIS A 484 27.00 19.50 16.76
CA HIS A 484 26.14 18.33 16.87
C HIS A 484 24.78 18.73 17.42
N ALA A 485 23.80 17.86 17.26
CA ALA A 485 22.45 18.13 17.76
C ALA A 485 21.87 16.93 18.51
N ASN A 486 20.98 17.21 19.45
CA ASN A 486 20.30 16.10 20.10
C ASN A 486 18.83 16.34 19.81
N LEU A 487 18.24 15.45 19.01
CA LEU A 487 16.81 15.53 18.69
C LEU A 487 16.08 14.77 19.78
N HIS A 488 15.26 15.49 20.53
CA HIS A 488 14.50 14.87 21.57
C HIS A 488 13.04 14.84 21.21
N VAL A 489 12.57 13.65 20.86
CA VAL A 489 11.19 13.44 20.47
C VAL A 489 10.37 13.00 21.67
N ALA A 490 9.29 13.71 21.95
CA ALA A 490 8.43 13.33 23.05
C ALA A 490 7.09 12.83 22.46
N PHE A 491 6.64 11.69 22.95
CA PHE A 491 5.40 11.06 22.51
C PHE A 491 4.40 11.04 23.65
N HIS A 492 3.11 11.05 23.30
CA HIS A 492 2.02 11.03 24.27
C HIS A 492 1.03 9.90 24.02
N ARG A 493 0.75 9.15 25.08
CA ARG A 493 -0.16 8.03 25.02
C ARG A 493 -1.53 8.41 25.61
N SER A 494 -2.57 8.42 24.79
CA SER A 494 -3.89 8.77 25.29
C SER A 494 -4.69 7.68 26.03
N SER A 495 -4.27 6.42 25.89
CA SER A 495 -4.92 5.31 26.56
C SER A 495 -3.90 4.21 26.88
N SER A 496 -4.31 3.25 27.72
CA SER A 496 -3.49 2.11 28.13
C SER A 496 -3.47 1.05 27.07
N GLU A 497 -4.27 1.22 26.02
CA GLU A 497 -4.34 0.21 24.99
C GLU A 497 -3.04 0.10 24.25
N LYS A 498 -2.61 -1.15 24.11
CA LYS A 498 -1.39 -1.45 23.44
C LYS A 498 -1.47 -1.13 21.97
N ILE A 499 -0.39 -0.60 21.41
CA ILE A 499 -0.36 -0.31 19.99
C ILE A 499 -0.29 -1.68 19.40
N HIS A 500 -1.03 -1.92 18.34
CA HIS A 500 -1.01 -3.22 17.71
C HIS A 500 -0.26 -3.21 16.38
N SER A 501 0.14 -4.41 15.94
CA SER A 501 0.90 -4.63 14.69
C SER A 501 0.10 -4.29 13.42
N ASN A 502 -0.13 -3.00 13.22
CA ASN A 502 -0.89 -2.46 12.08
C ASN A 502 -1.14 -0.98 12.37
N GLU A 503 -1.16 -0.68 13.67
CA GLU A 503 -1.42 0.65 14.14
C GLU A 503 -0.50 1.72 13.61
N ILE A 504 0.79 1.66 13.97
CA ILE A 504 1.71 2.70 13.50
C ILE A 504 1.98 2.61 12.00
N SER A 505 2.03 3.79 11.38
CA SER A 505 2.29 3.94 9.94
C SER A 505 3.57 3.21 9.46
N SER A 506 4.70 3.40 10.14
CA SER A 506 5.97 2.74 9.79
C SER A 506 6.84 2.40 11.02
N ASP A 507 8.03 1.85 10.80
CA ASP A 507 8.92 1.49 11.92
C ASP A 507 10.16 2.36 12.04
N SER A 508 10.07 3.56 11.49
CA SER A 508 11.19 4.45 11.56
C SER A 508 10.82 5.92 11.68
N ILE A 509 11.77 6.68 12.21
CA ILE A 509 11.64 8.10 12.34
C ILE A 509 12.56 8.61 11.24
N GLY A 510 12.11 9.61 10.49
CA GLY A 510 12.89 10.15 9.39
C GLY A 510 13.39 11.57 9.59
N VAL A 511 14.67 11.69 9.85
CA VAL A 511 15.29 12.98 10.00
C VAL A 511 15.62 13.40 8.58
N LEU A 512 15.28 14.64 8.24
CA LEU A 512 15.48 15.20 6.92
C LEU A 512 16.64 16.19 6.91
N GLY A 513 17.58 15.99 5.99
CA GLY A 513 18.69 16.89 5.88
C GLY A 513 18.42 17.90 4.77
N TYR A 514 19.46 18.23 4.03
CA TYR A 514 19.36 19.20 2.97
C TYR A 514 18.45 18.81 1.84
N GLN A 515 18.06 19.81 1.07
CA GLN A 515 17.21 19.62 -0.08
C GLN A 515 18.03 19.69 -1.35
N LYS A 516 17.81 18.69 -2.19
CA LYS A 516 18.49 18.59 -3.46
C LYS A 516 17.41 18.62 -4.54
N THR A 517 17.50 19.59 -5.45
CA THR A 517 16.54 19.69 -6.54
C THR A 517 17.02 18.74 -7.63
N VAL A 518 17.05 17.45 -7.30
CA VAL A 518 17.52 16.42 -8.22
C VAL A 518 16.31 15.86 -8.94
N ASP A 519 16.54 14.97 -9.93
CA ASP A 519 15.47 14.31 -10.72
C ASP A 519 14.34 15.30 -11.07
N HIS A 520 14.70 16.58 -11.23
CA HIS A 520 13.75 17.67 -11.49
C HIS A 520 12.58 17.68 -10.48
N THR A 521 12.72 16.86 -9.43
CA THR A 521 11.76 16.70 -8.34
C THR A 521 12.58 16.86 -7.05
N LYS A 522 12.41 18.00 -6.38
CA LYS A 522 13.14 18.29 -5.17
C LYS A 522 12.82 17.33 -4.01
N VAL A 523 13.86 16.85 -3.35
CA VAL A 523 13.70 15.93 -2.23
C VAL A 523 14.78 16.16 -1.19
N ASN A 524 14.53 15.72 0.04
CA ASN A 524 15.51 15.86 1.09
C ASN A 524 16.33 14.60 1.29
N SER A 525 17.48 14.77 1.93
CA SER A 525 18.35 13.69 2.30
C SER A 525 17.56 13.03 3.46
N LYS A 526 17.39 11.71 3.44
CA LYS A 526 16.62 11.08 4.52
C LYS A 526 17.50 10.20 5.38
N LEU A 527 17.39 10.40 6.68
CA LEU A 527 18.19 9.68 7.65
C LEU A 527 17.20 8.98 8.58
N SER A 528 17.13 7.65 8.50
CA SER A 528 16.17 6.91 9.29
C SER A 528 16.70 6.24 10.52
N LEU A 529 15.87 6.28 11.57
CA LEU A 529 16.15 5.68 12.86
C LEU A 529 14.99 4.73 13.06
N PHE A 530 15.30 3.43 13.14
CA PHE A 530 14.29 2.37 13.29
C PHE A 530 13.98 2.04 14.73
N PHE A 531 12.69 1.92 15.05
CA PHE A 531 12.30 1.63 16.42
C PHE A 531 11.49 0.35 16.52
N GLU A 532 11.28 -0.08 17.76
CA GLU A 532 10.48 -1.25 18.09
C GLU A 532 9.45 -0.88 19.17
N ILE A 533 8.23 -1.40 19.02
CA ILE A 533 7.18 -1.15 20.03
C ILE A 533 7.26 -2.30 21.02
N LYS A 534 7.22 -1.99 22.31
CA LYS A 534 7.33 -3.07 23.28
C LYS A 534 6.49 -2.88 24.50
N SER A 535 6.44 -3.95 25.28
CA SER A 535 5.70 -4.07 26.54
C SER A 535 4.21 -4.40 26.35
N GLY B 1 -31.74 8.74 25.84
CA GLY B 1 -32.96 7.96 25.59
C GLY B 1 -32.76 7.05 24.40
N ALA B 2 -33.09 5.77 24.57
CA ALA B 2 -32.95 4.76 23.50
C ALA B 2 -33.86 5.09 22.32
N ASP B 3 -34.87 5.92 22.56
CA ASP B 3 -35.82 6.36 21.54
C ASP B 3 -35.16 7.34 20.56
N ASP B 4 -33.97 7.83 20.91
CA ASP B 4 -33.23 8.81 20.08
C ASP B 4 -32.32 8.17 19.03
N VAL B 5 -32.04 6.90 19.20
CA VAL B 5 -31.16 6.19 18.30
C VAL B 5 -31.78 4.97 17.67
N VAL B 6 -32.92 4.53 18.20
CA VAL B 6 -33.57 3.33 17.70
C VAL B 6 -34.98 3.55 17.14
N ASP B 7 -35.23 2.95 15.97
CA ASP B 7 -36.51 3.04 15.30
C ASP B 7 -37.24 1.69 15.51
N SER B 8 -38.21 1.66 16.42
CA SER B 8 -38.97 0.46 16.73
C SER B 8 -39.86 -0.16 15.61
N SER B 9 -40.34 0.67 14.70
CA SER B 9 -41.18 0.17 13.62
C SER B 9 -40.38 -0.58 12.57
N LYS B 10 -39.06 -0.40 12.57
CA LYS B 10 -38.19 -1.08 11.61
C LYS B 10 -37.34 -2.13 12.30
N SER B 11 -37.56 -2.28 13.61
CA SER B 11 -36.90 -3.26 14.46
C SER B 11 -37.91 -4.40 14.76
N PHE B 12 -37.45 -5.64 14.60
CA PHE B 12 -38.29 -6.82 14.81
C PHE B 12 -37.45 -8.05 15.17
N VAL B 13 -38.10 -9.11 15.63
CA VAL B 13 -37.37 -10.35 15.92
C VAL B 13 -37.82 -11.30 14.81
N MET B 14 -36.91 -12.14 14.30
CA MET B 14 -37.26 -13.04 13.21
C MET B 14 -36.55 -14.41 13.26
N GLU B 15 -37.19 -15.44 12.72
CA GLU B 15 -36.61 -16.77 12.71
C GLU B 15 -36.04 -17.02 11.33
N ASN B 16 -34.87 -17.64 11.27
CA ASN B 16 -34.20 -17.93 10.02
C ASN B 16 -34.07 -16.63 9.24
N PHE B 17 -33.64 -15.59 9.94
CA PHE B 17 -33.47 -14.28 9.35
C PHE B 17 -32.32 -14.35 8.35
N SER B 18 -32.60 -14.06 7.08
CA SER B 18 -31.59 -14.07 6.04
C SER B 18 -31.29 -12.72 5.37
N SER B 19 -30.07 -12.62 4.83
CA SER B 19 -29.63 -11.44 4.11
C SER B 19 -28.61 -11.88 3.06
N TYR B 20 -28.25 -10.98 2.16
CA TYR B 20 -27.32 -11.28 1.08
C TYR B 20 -26.02 -10.54 1.21
N HIS B 21 -24.99 -11.09 0.58
CA HIS B 21 -23.66 -10.50 0.61
C HIS B 21 -22.97 -10.71 -0.75
N GLY B 22 -22.47 -9.64 -1.37
CA GLY B 22 -21.80 -9.79 -2.64
C GLY B 22 -20.30 -9.94 -2.42
N THR B 23 -19.70 -11.02 -2.92
CA THR B 23 -18.26 -11.25 -2.76
C THR B 23 -17.44 -11.15 -4.06
N LYS B 24 -16.15 -10.89 -3.92
CA LYS B 24 -15.31 -10.69 -5.08
C LYS B 24 -14.95 -11.99 -5.78
N PRO B 25 -14.41 -11.88 -7.00
CA PRO B 25 -14.02 -13.08 -7.72
C PRO B 25 -12.93 -13.77 -6.88
N GLY B 26 -13.07 -15.08 -6.70
CA GLY B 26 -12.11 -15.85 -5.91
C GLY B 26 -12.65 -16.37 -4.60
N TYR B 27 -13.44 -15.56 -3.91
CA TYR B 27 -14.01 -15.91 -2.61
C TYR B 27 -15.42 -16.47 -2.63
N VAL B 28 -15.99 -16.73 -3.81
CA VAL B 28 -17.37 -17.23 -3.87
C VAL B 28 -17.59 -18.60 -3.28
N ASP B 29 -16.61 -19.47 -3.49
CA ASP B 29 -16.67 -20.86 -3.02
C ASP B 29 -16.26 -20.93 -1.57
N SER B 30 -15.15 -20.27 -1.25
CA SER B 30 -14.61 -20.26 0.11
C SER B 30 -15.54 -19.57 1.10
N ILE B 31 -16.30 -18.58 0.63
CA ILE B 31 -17.24 -17.84 1.48
C ILE B 31 -18.41 -18.73 1.91
N GLN B 32 -18.71 -19.72 1.08
CA GLN B 32 -19.78 -20.67 1.36
C GLN B 32 -19.32 -21.61 2.48
N LYS B 33 -18.04 -21.51 2.84
CA LYS B 33 -17.47 -22.30 3.92
C LYS B 33 -17.65 -21.63 5.29
N GLY B 34 -17.71 -20.29 5.32
CA GLY B 34 -17.93 -19.63 6.59
C GLY B 34 -17.62 -18.16 6.62
N ILE B 35 -18.35 -17.43 7.46
CA ILE B 35 -18.15 -16.01 7.57
C ILE B 35 -17.19 -15.77 8.71
N GLN B 36 -15.95 -15.49 8.35
CA GLN B 36 -14.90 -15.21 9.33
C GLN B 36 -14.26 -13.88 8.98
N LYS B 37 -13.73 -13.22 10.00
CA LYS B 37 -13.05 -11.97 9.81
C LYS B 37 -11.72 -12.23 9.11
N ASP B 48 -13.34 1.26 14.42
CA ASP B 48 -13.63 -0.09 14.97
C ASP B 48 -15.10 -0.13 15.42
N ASP B 49 -15.67 1.06 15.59
CA ASP B 49 -17.07 1.18 15.97
C ASP B 49 -17.92 0.38 15.02
N TRP B 50 -17.60 0.47 13.74
CA TRP B 50 -18.35 -0.19 12.70
C TRP B 50 -17.79 -1.46 12.08
N LYS B 51 -16.80 -2.08 12.71
CA LYS B 51 -16.24 -3.29 12.12
C LYS B 51 -17.23 -4.43 12.30
N GLY B 52 -17.58 -5.04 11.17
CA GLY B 52 -18.50 -6.14 11.18
C GLY B 52 -18.64 -6.66 9.77
N PHE B 53 -19.46 -7.69 9.62
CA PHE B 53 -19.71 -8.28 8.32
C PHE B 53 -20.91 -7.54 7.73
N TYR B 54 -20.82 -7.17 6.45
CA TYR B 54 -21.90 -6.44 5.80
C TYR B 54 -22.76 -7.21 4.83
N SER B 55 -24.09 -7.04 4.99
CA SER B 55 -25.12 -7.64 4.12
C SER B 55 -26.31 -6.66 3.88
N THR B 56 -27.19 -6.98 2.94
CA THR B 56 -28.32 -6.09 2.66
C THR B 56 -29.54 -6.99 2.36
N ASP B 57 -30.73 -6.41 2.46
CA ASP B 57 -31.97 -7.12 2.17
C ASP B 57 -32.16 -7.19 0.65
N ASN B 58 -31.35 -6.46 -0.11
CA ASN B 58 -31.47 -6.51 -1.55
C ASN B 58 -30.28 -7.23 -2.24
N LYS B 59 -30.56 -8.35 -2.92
CA LYS B 59 -29.55 -9.14 -3.62
C LYS B 59 -28.93 -8.46 -4.80
N TYR B 60 -29.65 -7.53 -5.41
CA TYR B 60 -29.12 -6.84 -6.56
C TYR B 60 -28.17 -5.74 -6.09
N ASP B 61 -28.42 -5.21 -4.89
CA ASP B 61 -27.56 -4.20 -4.31
C ASP B 61 -26.32 -4.91 -3.82
N ALA B 62 -26.51 -6.16 -3.37
CA ALA B 62 -25.40 -6.99 -2.90
C ALA B 62 -24.57 -7.34 -4.12
N ALA B 63 -25.24 -7.54 -5.25
CA ALA B 63 -24.53 -7.88 -6.48
C ALA B 63 -23.49 -6.84 -6.87
N GLY B 64 -23.80 -5.56 -6.65
CA GLY B 64 -22.90 -4.50 -7.03
C GLY B 64 -21.60 -4.39 -6.26
N TYR B 65 -21.37 -5.31 -5.34
CA TYR B 65 -20.15 -5.32 -4.53
C TYR B 65 -19.23 -6.49 -4.95
N SER B 66 -19.61 -7.20 -6.00
CA SER B 66 -18.82 -8.36 -6.41
C SER B 66 -17.73 -8.11 -7.41
N VAL B 67 -17.48 -6.86 -7.77
CA VAL B 67 -16.46 -6.57 -8.77
C VAL B 67 -15.02 -6.57 -8.27
N ASP B 68 -14.15 -7.17 -9.08
CA ASP B 68 -12.72 -7.23 -8.79
C ASP B 68 -12.30 -5.80 -8.44
N ASN B 69 -11.95 -5.57 -7.18
CA ASN B 69 -11.58 -4.23 -6.75
C ASN B 69 -10.28 -3.72 -7.29
N GLU B 70 -9.56 -4.59 -7.99
CA GLU B 70 -8.30 -4.18 -8.57
C GLU B 70 -8.67 -3.48 -9.89
N ASN B 71 -9.86 -3.84 -10.40
CA ASN B 71 -10.44 -3.32 -11.62
C ASN B 71 -11.94 -3.11 -11.37
N PRO B 72 -12.28 -2.04 -10.61
CA PRO B 72 -13.63 -1.61 -10.20
C PRO B 72 -14.57 -1.12 -11.28
N LEU B 73 -14.04 -0.55 -12.35
CA LEU B 73 -14.88 -0.07 -13.45
C LEU B 73 -15.17 -1.19 -14.44
N SER B 74 -14.16 -2.00 -14.76
CA SER B 74 -14.31 -3.06 -15.75
C SER B 74 -13.96 -4.52 -15.39
N GLY B 75 -13.41 -4.74 -14.22
CA GLY B 75 -13.06 -6.10 -13.86
C GLY B 75 -14.23 -7.06 -13.76
N LYS B 76 -13.92 -8.32 -13.47
CA LYS B 76 -14.93 -9.37 -13.33
C LYS B 76 -15.67 -9.22 -12.02
N ALA B 77 -16.86 -9.81 -12.00
CA ALA B 77 -17.78 -9.80 -10.88
C ALA B 77 -17.90 -11.22 -10.29
N GLY B 78 -17.59 -11.38 -9.01
CA GLY B 78 -17.68 -12.68 -8.39
C GLY B 78 -19.10 -13.18 -8.24
N GLY B 79 -19.71 -12.87 -7.09
CA GLY B 79 -21.06 -13.34 -6.86
C GLY B 79 -21.79 -12.80 -5.65
N VAL B 80 -22.94 -13.41 -5.38
CA VAL B 80 -23.81 -13.06 -4.27
C VAL B 80 -24.14 -14.35 -3.49
N VAL B 81 -24.12 -14.27 -2.17
CA VAL B 81 -24.43 -15.41 -1.31
C VAL B 81 -25.47 -15.01 -0.27
N LYS B 82 -26.25 -15.98 0.18
CA LYS B 82 -27.28 -15.75 1.19
C LYS B 82 -26.82 -16.30 2.52
N VAL B 83 -26.78 -15.44 3.52
CA VAL B 83 -26.35 -15.82 4.84
C VAL B 83 -27.57 -15.83 5.75
N THR B 84 -27.82 -16.98 6.40
CA THR B 84 -28.96 -17.15 7.29
C THR B 84 -28.61 -17.47 8.76
N TYR B 85 -29.17 -16.73 9.70
CA TYR B 85 -28.92 -16.97 11.11
C TYR B 85 -30.01 -17.90 11.63
N PRO B 86 -29.64 -19.05 12.20
CA PRO B 86 -30.64 -19.97 12.73
C PRO B 86 -31.28 -19.38 13.97
N GLY B 87 -32.49 -19.85 14.29
CA GLY B 87 -33.18 -19.36 15.47
C GLY B 87 -33.71 -17.96 15.32
N LEU B 88 -33.81 -17.25 16.45
CA LEU B 88 -34.31 -15.88 16.51
C LEU B 88 -33.22 -14.83 16.47
N THR B 89 -33.33 -13.88 15.55
CA THR B 89 -32.39 -12.77 15.40
C THR B 89 -33.15 -11.42 15.53
N LYS B 90 -32.66 -10.54 16.39
CA LYS B 90 -33.25 -9.22 16.56
C LYS B 90 -32.58 -8.21 15.58
N VAL B 91 -33.38 -7.59 14.72
CA VAL B 91 -32.86 -6.59 13.80
C VAL B 91 -33.17 -5.26 14.45
N LEU B 92 -32.13 -4.61 14.97
CA LEU B 92 -32.29 -3.34 15.63
C LEU B 92 -32.06 -2.24 14.61
N ALA B 93 -33.12 -1.47 14.33
CA ALA B 93 -33.07 -0.39 13.38
C ALA B 93 -32.54 0.88 14.03
N LEU B 94 -31.58 1.53 13.40
CA LEU B 94 -31.01 2.74 13.94
C LEU B 94 -31.47 3.99 13.19
N LYS B 95 -31.75 5.03 13.95
CA LYS B 95 -32.18 6.30 13.40
C LYS B 95 -30.98 7.20 13.09
N VAL B 96 -29.79 6.79 13.55
CA VAL B 96 -28.58 7.57 13.32
C VAL B 96 -27.42 6.61 13.07
N ASP B 97 -26.38 7.09 12.39
CA ASP B 97 -25.21 6.27 12.10
C ASP B 97 -23.94 6.79 12.77
N ASN B 98 -24.12 7.71 13.72
CA ASN B 98 -22.99 8.27 14.48
C ASN B 98 -22.83 7.39 15.72
N ALA B 99 -21.79 6.57 15.76
CA ALA B 99 -21.60 5.65 16.88
C ALA B 99 -21.48 6.27 18.27
N GLU B 100 -21.00 7.51 18.37
CA GLU B 100 -20.86 8.22 19.65
C GLU B 100 -22.26 8.43 20.19
N THR B 101 -23.12 9.00 19.34
CA THR B 101 -24.50 9.25 19.69
C THR B 101 -25.20 7.93 20.09
N ILE B 102 -24.98 6.87 19.32
CA ILE B 102 -25.58 5.57 19.60
C ILE B 102 -25.13 5.05 20.95
N LYS B 103 -23.83 4.93 21.15
CA LYS B 103 -23.28 4.44 22.41
C LYS B 103 -23.74 5.28 23.58
N LYS B 104 -23.74 6.60 23.41
CA LYS B 104 -24.19 7.46 24.48
C LYS B 104 -25.67 7.23 24.82
N GLU B 105 -26.54 7.46 23.84
CA GLU B 105 -27.99 7.29 24.02
C GLU B 105 -28.43 5.91 24.48
N LEU B 106 -27.66 4.88 24.13
CA LEU B 106 -27.97 3.51 24.53
C LEU B 106 -27.27 3.21 25.86
N GLY B 107 -26.61 4.24 26.38
CA GLY B 107 -25.90 4.14 27.64
C GLY B 107 -24.81 3.10 27.62
N LEU B 108 -24.34 2.79 26.42
CA LEU B 108 -23.28 1.81 26.26
C LEU B 108 -21.97 2.40 26.76
N SER B 109 -20.95 1.55 26.86
CA SER B 109 -19.63 2.00 27.28
C SER B 109 -19.23 2.97 26.18
N LEU B 110 -18.96 4.22 26.56
CA LEU B 110 -18.56 5.20 25.57
C LEU B 110 -17.11 5.01 25.21
N THR B 111 -16.54 3.88 25.63
CA THR B 111 -15.15 3.57 25.35
C THR B 111 -14.99 2.41 24.38
N GLU B 112 -15.67 1.31 24.64
CA GLU B 112 -15.61 0.13 23.76
C GLU B 112 -16.19 0.51 22.40
N PRO B 113 -15.71 -0.12 21.31
CA PRO B 113 -16.29 0.24 20.01
C PRO B 113 -17.67 -0.40 19.85
N LEU B 114 -18.57 0.35 19.21
CA LEU B 114 -19.95 -0.07 19.00
C LEU B 114 -20.21 -1.47 18.52
N MET B 115 -19.68 -1.83 17.35
CA MET B 115 -19.96 -3.14 16.80
C MET B 115 -19.43 -4.29 17.59
N GLU B 116 -18.44 -4.03 18.43
CA GLU B 116 -17.94 -5.13 19.22
C GLU B 116 -18.85 -5.34 20.46
N GLN B 117 -19.56 -4.27 20.84
CA GLN B 117 -20.52 -4.28 21.96
C GLN B 117 -21.88 -4.90 21.60
N VAL B 118 -22.16 -4.98 20.29
CA VAL B 118 -23.41 -5.54 19.73
C VAL B 118 -23.45 -7.09 19.80
N GLY B 119 -22.27 -7.71 19.96
CA GLY B 119 -22.17 -9.14 20.06
C GLY B 119 -22.01 -9.63 21.48
N THR B 120 -21.89 -8.71 22.45
CA THR B 120 -21.76 -9.08 23.85
C THR B 120 -23.11 -9.55 24.37
N GLU B 121 -23.06 -10.50 25.30
CA GLU B 121 -24.24 -11.09 25.94
C GLU B 121 -25.16 -10.01 26.53
N GLU B 122 -24.55 -9.09 27.29
CA GLU B 122 -25.26 -8.00 27.94
C GLU B 122 -26.11 -7.22 26.97
N PHE B 123 -25.49 -6.82 25.85
CA PHE B 123 -26.16 -6.05 24.83
C PHE B 123 -27.27 -6.84 24.19
N ILE B 124 -27.00 -8.11 23.94
CA ILE B 124 -28.00 -9.00 23.34
C ILE B 124 -29.10 -9.26 24.36
N LYS B 125 -28.74 -9.19 25.64
CA LYS B 125 -29.72 -9.40 26.69
C LYS B 125 -30.65 -8.21 26.65
N ARG B 126 -30.07 -7.01 26.69
CA ARG B 126 -30.82 -5.76 26.68
C ARG B 126 -31.73 -5.47 25.44
N PHE B 127 -31.16 -5.49 24.23
CA PHE B 127 -31.96 -5.17 23.04
C PHE B 127 -32.26 -6.32 22.11
N GLY B 128 -31.89 -7.52 22.50
CA GLY B 128 -32.16 -8.66 21.65
C GLY B 128 -33.59 -9.19 21.75
N ASP B 129 -34.28 -8.87 22.85
CA ASP B 129 -35.65 -9.33 23.10
C ASP B 129 -35.79 -10.85 22.96
N GLY B 130 -34.80 -11.57 23.49
CA GLY B 130 -34.84 -13.01 23.43
C GLY B 130 -34.17 -13.63 22.22
N ALA B 131 -33.85 -12.80 21.23
CA ALA B 131 -33.22 -13.29 20.03
C ALA B 131 -31.78 -13.67 20.38
N SER B 132 -31.25 -14.66 19.65
CA SER B 132 -29.90 -15.14 19.86
C SER B 132 -28.82 -14.08 19.63
N ARG B 133 -29.12 -13.07 18.84
CA ARG B 133 -28.16 -11.99 18.60
C ARG B 133 -28.87 -10.78 18.02
N VAL B 134 -28.10 -9.72 17.84
CA VAL B 134 -28.60 -8.48 17.28
C VAL B 134 -27.76 -8.09 16.05
N VAL B 135 -28.48 -7.67 15.01
CA VAL B 135 -27.90 -7.23 13.75
C VAL B 135 -28.34 -5.79 13.60
N LEU B 136 -27.39 -4.87 13.45
CA LEU B 136 -27.78 -3.48 13.27
C LEU B 136 -28.41 -3.27 11.89
N SER B 137 -29.42 -2.40 11.84
CA SER B 137 -30.08 -2.10 10.59
C SER B 137 -29.97 -0.61 10.37
N LEU B 138 -29.59 -0.24 9.15
CA LEU B 138 -29.45 1.16 8.75
C LEU B 138 -29.96 1.36 7.30
N PRO B 139 -30.60 2.50 7.01
CA PRO B 139 -31.06 2.67 5.63
C PRO B 139 -29.85 2.43 4.69
N PHE B 140 -30.05 1.70 3.59
CA PHE B 140 -28.94 1.42 2.67
C PHE B 140 -28.31 2.69 2.09
N ALA B 141 -29.15 3.59 1.58
CA ALA B 141 -28.67 4.82 0.98
C ALA B 141 -29.83 5.72 0.69
N GLU B 142 -29.50 6.96 0.34
CA GLU B 142 -30.48 7.93 -0.06
C GLU B 142 -30.86 7.51 -1.48
N GLY B 143 -32.17 7.44 -1.75
CA GLY B 143 -32.59 7.05 -3.06
C GLY B 143 -32.83 5.56 -3.14
N SER B 144 -32.72 4.89 -1.99
CA SER B 144 -32.91 3.44 -1.86
C SER B 144 -33.92 3.10 -0.75
N SER B 145 -34.72 2.08 -0.99
CA SER B 145 -35.67 1.59 -0.01
C SER B 145 -35.06 0.35 0.66
N SER B 146 -33.82 0.00 0.28
CA SER B 146 -33.11 -1.14 0.84
C SER B 146 -32.52 -0.78 2.22
N VAL B 147 -32.12 -1.81 2.97
CA VAL B 147 -31.47 -1.61 4.26
C VAL B 147 -30.08 -2.24 4.24
N GLU B 148 -29.24 -1.80 5.15
CA GLU B 148 -27.90 -2.31 5.27
C GLU B 148 -27.82 -2.95 6.66
N TYR B 149 -27.42 -4.22 6.70
CA TYR B 149 -27.26 -4.96 7.95
C TYR B 149 -25.78 -5.02 8.36
N ILE B 150 -25.53 -4.76 9.64
CA ILE B 150 -24.18 -4.81 10.14
C ILE B 150 -24.14 -5.92 11.16
N ASN B 151 -23.45 -7.00 10.79
CA ASN B 151 -23.30 -8.19 11.61
C ASN B 151 -22.03 -8.14 12.47
N ASN B 152 -22.15 -8.47 13.74
CA ASN B 152 -20.98 -8.52 14.64
C ASN B 152 -20.14 -9.71 14.18
N TRP B 153 -18.85 -9.52 13.97
CA TRP B 153 -18.00 -10.61 13.50
C TRP B 153 -18.12 -11.98 14.18
N GLU B 154 -18.15 -11.99 15.51
CA GLU B 154 -18.27 -13.23 16.27
C GLU B 154 -19.59 -13.94 16.00
N GLN B 155 -20.70 -13.23 16.16
CA GLN B 155 -22.05 -13.77 15.93
C GLN B 155 -22.25 -14.25 14.48
N ALA B 156 -21.54 -13.61 13.56
CA ALA B 156 -21.62 -13.94 12.15
C ALA B 156 -21.07 -15.34 11.89
N LYS B 157 -20.38 -15.91 12.88
CA LYS B 157 -19.83 -17.25 12.73
C LYS B 157 -20.97 -18.25 12.66
N ALA B 158 -22.13 -17.86 13.16
CA ALA B 158 -23.34 -18.69 13.15
C ALA B 158 -24.12 -18.74 11.82
N LEU B 159 -23.82 -17.82 10.91
CA LEU B 159 -24.47 -17.73 9.59
C LEU B 159 -24.29 -18.94 8.66
N SER B 160 -25.38 -19.31 8.01
CA SER B 160 -25.40 -20.39 7.04
C SER B 160 -25.19 -19.63 5.72
N VAL B 161 -24.23 -20.07 4.92
CA VAL B 161 -23.93 -19.41 3.67
C VAL B 161 -24.34 -20.27 2.51
N GLU B 162 -25.21 -19.73 1.67
CA GLU B 162 -25.72 -20.42 0.48
C GLU B 162 -25.38 -19.54 -0.73
N LEU B 163 -25.26 -20.12 -1.92
CA LEU B 163 -24.95 -19.32 -3.09
C LEU B 163 -26.20 -18.80 -3.77
N GLU B 164 -26.16 -17.54 -4.21
CA GLU B 164 -27.27 -16.93 -4.93
C GLU B 164 -26.94 -17.04 -6.41
N ILE B 165 -25.79 -16.47 -6.78
CA ILE B 165 -25.33 -16.48 -8.15
C ILE B 165 -23.83 -16.23 -8.18
N ASN B 166 -23.17 -16.78 -9.20
CA ASN B 166 -21.73 -16.63 -9.43
C ASN B 166 -21.74 -16.06 -10.83
N PHE B 167 -21.32 -14.82 -10.98
CA PHE B 167 -21.33 -14.19 -12.30
C PHE B 167 -20.27 -14.78 -13.20
N GLU B 168 -19.22 -15.32 -12.59
CA GLU B 168 -18.17 -15.91 -13.36
C GLU B 168 -18.60 -17.20 -13.99
N THR B 169 -19.51 -17.93 -13.32
CA THR B 169 -20.02 -19.20 -13.84
C THR B 169 -20.90 -19.00 -15.07
N ARG B 170 -21.56 -17.85 -15.18
CA ARG B 170 -22.42 -17.55 -16.32
C ARG B 170 -21.63 -17.40 -17.63
N GLY B 171 -20.30 -17.33 -17.50
CA GLY B 171 -19.40 -17.23 -18.64
C GLY B 171 -19.67 -16.19 -19.71
N LYS B 172 -20.18 -15.03 -19.31
CA LYS B 172 -20.48 -13.96 -20.27
C LYS B 172 -19.38 -12.91 -20.35
N ARG B 173 -19.41 -12.09 -21.39
CA ARG B 173 -18.39 -11.04 -21.52
C ARG B 173 -18.56 -9.86 -20.53
N GLY B 174 -17.49 -9.08 -20.37
CA GLY B 174 -17.49 -7.92 -19.48
C GLY B 174 -18.21 -8.13 -18.18
N GLN B 175 -19.10 -7.20 -17.85
CA GLN B 175 -19.90 -7.31 -16.63
C GLN B 175 -21.36 -7.66 -16.97
N ASP B 176 -21.56 -8.32 -18.13
CA ASP B 176 -22.88 -8.70 -18.63
C ASP B 176 -23.69 -9.47 -17.59
N ALA B 177 -23.07 -10.48 -16.99
CA ALA B 177 -23.75 -11.31 -16.01
C ALA B 177 -24.27 -10.53 -14.80
N MET B 178 -23.48 -9.57 -14.31
CA MET B 178 -23.86 -8.74 -13.17
C MET B 178 -25.06 -7.82 -13.50
N TYR B 179 -24.93 -7.07 -14.58
CA TYR B 179 -25.95 -6.15 -15.03
C TYR B 179 -27.22 -6.81 -15.52
N GLU B 180 -27.11 -8.00 -16.12
CA GLU B 180 -28.32 -8.68 -16.55
C GLU B 180 -29.09 -9.25 -15.35
N TYR B 181 -28.37 -9.52 -14.25
CA TYR B 181 -28.94 -10.05 -12.99
C TYR B 181 -29.69 -8.94 -12.23
N MET B 182 -29.07 -7.77 -12.16
CA MET B 182 -29.67 -6.61 -11.48
C MET B 182 -30.92 -6.14 -12.27
N ALA B 183 -30.89 -6.33 -13.59
CA ALA B 183 -32.00 -5.93 -14.43
C ALA B 183 -33.21 -6.78 -14.09
N GLN B 184 -32.99 -7.87 -13.38
CA GLN B 184 -34.07 -8.75 -13.00
C GLN B 184 -34.96 -8.02 -12.03
N ALA B 185 -34.36 -7.05 -11.35
CA ALA B 185 -35.07 -6.26 -10.36
C ALA B 185 -36.43 -5.74 -10.87
N CYS B 186 -36.46 -5.24 -12.09
CA CYS B 186 -37.71 -4.73 -12.63
C CYS B 186 -38.33 -5.67 -13.66
N ALA B 187 -38.02 -6.96 -13.53
CA ALA B 187 -38.49 -8.04 -14.41
C ALA B 187 -37.74 -8.10 -15.75
N SER B 200 -40.44 1.37 -16.17
CA SER B 200 -40.32 0.23 -17.14
C SER B 200 -39.13 -0.60 -16.69
N CYS B 201 -38.56 -1.38 -17.60
CA CYS B 201 -37.40 -2.17 -17.29
C CYS B 201 -36.61 -2.32 -18.54
N ILE B 202 -35.31 -2.08 -18.45
CA ILE B 202 -34.41 -2.25 -19.58
C ILE B 202 -33.78 -3.57 -19.24
N ASN B 203 -34.20 -4.57 -20.00
CA ASN B 203 -33.72 -5.92 -19.87
C ASN B 203 -33.21 -6.32 -21.25
N LEU B 204 -31.98 -5.92 -21.55
CA LEU B 204 -31.33 -6.18 -22.82
C LEU B 204 -30.41 -7.40 -22.79
N ASP B 205 -30.32 -8.09 -23.92
CA ASP B 205 -29.46 -9.25 -24.06
C ASP B 205 -28.18 -8.72 -24.70
N TRP B 206 -27.18 -8.51 -23.87
CA TRP B 206 -25.91 -7.99 -24.34
C TRP B 206 -25.11 -8.87 -25.25
N ASP B 207 -25.37 -10.17 -25.20
CA ASP B 207 -24.71 -11.12 -26.10
C ASP B 207 -25.25 -10.82 -27.49
N VAL B 208 -26.57 -10.67 -27.61
CA VAL B 208 -27.21 -10.35 -28.90
C VAL B 208 -26.70 -9.01 -29.41
N ILE B 209 -26.62 -8.02 -28.53
CA ILE B 209 -26.16 -6.68 -28.91
C ILE B 209 -24.69 -6.67 -29.32
N ARG B 210 -23.87 -7.41 -28.57
CA ARG B 210 -22.46 -7.49 -28.87
C ARG B 210 -22.27 -8.15 -30.23
N ASP B 211 -23.04 -9.21 -30.52
CA ASP B 211 -22.94 -9.92 -31.79
C ASP B 211 -23.45 -9.09 -32.99
N LYS B 212 -24.51 -8.30 -32.79
CA LYS B 212 -25.06 -7.46 -33.86
C LYS B 212 -24.11 -6.34 -34.17
N THR B 213 -23.46 -5.82 -33.13
CA THR B 213 -22.50 -4.74 -33.27
C THR B 213 -21.35 -5.10 -34.20
N LYS B 214 -20.76 -6.27 -33.99
CA LYS B 214 -19.64 -6.75 -34.80
C LYS B 214 -20.07 -6.89 -36.24
N THR B 215 -21.20 -7.56 -36.45
CA THR B 215 -21.77 -7.77 -37.77
C THR B 215 -21.96 -6.45 -38.55
N LYS B 216 -22.56 -5.46 -37.90
CA LYS B 216 -22.82 -4.14 -38.50
C LYS B 216 -21.59 -3.33 -38.81
N ILE B 217 -20.57 -3.44 -37.97
CA ILE B 217 -19.31 -2.74 -38.18
C ILE B 217 -18.70 -3.33 -39.45
N GLU B 218 -18.77 -4.65 -39.54
CA GLU B 218 -18.26 -5.40 -40.68
C GLU B 218 -18.89 -4.92 -41.97
N SER B 219 -20.21 -4.94 -42.03
CA SER B 219 -20.94 -4.48 -43.20
C SER B 219 -20.67 -3.01 -43.56
N LEU B 220 -20.53 -2.16 -42.56
CA LEU B 220 -20.27 -0.76 -42.80
C LEU B 220 -18.90 -0.49 -43.45
N LYS B 221 -17.85 -1.10 -42.90
CA LYS B 221 -16.44 -0.99 -43.37
C LYS B 221 -16.28 -1.47 -44.82
N GLU B 222 -16.97 -2.55 -45.12
CA GLU B 222 -16.99 -3.16 -46.44
C GLU B 222 -18.25 -2.62 -47.08
N HIS B 223 -18.23 -1.37 -47.50
CA HIS B 223 -19.40 -0.78 -48.11
C HIS B 223 -19.05 0.35 -49.06
N GLY B 224 -19.42 0.16 -50.34
CA GLY B 224 -19.18 1.14 -51.37
C GLY B 224 -19.12 2.61 -50.96
N PRO B 225 -20.26 3.27 -50.69
CA PRO B 225 -20.31 4.68 -50.28
C PRO B 225 -19.50 5.03 -49.03
N ILE B 226 -19.50 4.13 -48.05
CA ILE B 226 -18.76 4.36 -46.81
C ILE B 226 -17.28 4.35 -47.11
N LYS B 227 -16.80 3.30 -47.82
CA LYS B 227 -15.40 3.20 -48.21
C LYS B 227 -15.03 4.40 -49.07
N ASN B 228 -15.95 4.83 -49.93
CA ASN B 228 -15.74 5.99 -50.77
C ASN B 228 -15.59 7.22 -49.90
N LYS B 229 -16.45 7.35 -48.89
CA LYS B 229 -16.43 8.49 -47.99
C LYS B 229 -15.14 8.48 -47.23
N MET B 230 -14.70 7.29 -46.85
CA MET B 230 -13.46 7.14 -46.12
C MET B 230 -12.26 7.60 -46.97
N SER B 231 -12.26 7.24 -48.25
CA SER B 231 -11.18 7.62 -49.18
C SER B 231 -10.83 9.09 -49.09
N GLU B 232 -11.86 9.91 -48.95
CA GLU B 232 -11.73 11.36 -48.90
C GLU B 232 -11.30 11.89 -47.55
N SER B 233 -10.95 10.97 -46.65
CA SER B 233 -10.52 11.37 -45.32
C SER B 233 -9.14 12.01 -45.45
N PRO B 234 -8.96 13.19 -44.84
CA PRO B 234 -7.65 13.81 -44.93
C PRO B 234 -6.62 12.80 -44.41
N ASN B 235 -7.10 11.86 -43.59
CA ASN B 235 -6.31 10.78 -42.99
C ASN B 235 -4.99 11.26 -42.37
N LYS B 236 -5.04 12.47 -41.82
CA LYS B 236 -3.89 13.08 -41.18
C LYS B 236 -4.45 14.05 -40.17
N THR B 237 -3.61 14.49 -39.24
CA THR B 237 -4.05 15.45 -38.23
C THR B 237 -4.55 16.70 -38.94
N VAL B 238 -5.84 16.95 -38.81
CA VAL B 238 -6.46 18.10 -39.40
C VAL B 238 -7.02 18.87 -38.19
N SER B 239 -7.55 20.08 -38.40
CA SER B 239 -8.07 20.85 -37.27
C SER B 239 -9.32 20.21 -36.68
N GLU B 240 -9.66 20.60 -35.46
CA GLU B 240 -10.85 20.04 -34.85
C GLU B 240 -12.10 20.36 -35.63
N GLU B 241 -12.19 21.60 -36.12
CA GLU B 241 -13.35 22.03 -36.88
C GLU B 241 -13.49 21.31 -38.22
N LYS B 242 -12.38 20.86 -38.80
CA LYS B 242 -12.41 20.14 -40.06
C LYS B 242 -12.75 18.65 -39.79
N ALA B 243 -12.22 18.15 -38.69
CA ALA B 243 -12.46 16.79 -38.27
C ALA B 243 -13.98 16.59 -38.13
N LYS B 244 -14.64 17.42 -37.31
CA LYS B 244 -16.08 17.32 -37.10
C LYS B 244 -16.83 17.42 -38.43
N GLN B 245 -16.37 18.31 -39.31
CA GLN B 245 -16.99 18.50 -40.60
C GLN B 245 -16.97 17.22 -41.42
N TYR B 246 -15.82 16.56 -41.45
CA TYR B 246 -15.70 15.30 -42.18
C TYR B 246 -16.56 14.23 -41.51
N LEU B 247 -16.50 14.18 -40.18
CA LEU B 247 -17.25 13.20 -39.44
C LEU B 247 -18.76 13.33 -39.62
N GLU B 248 -19.25 14.55 -39.77
CA GLU B 248 -20.68 14.74 -39.95
C GLU B 248 -21.14 14.20 -41.28
N GLU B 249 -20.30 14.33 -42.30
CA GLU B 249 -20.63 13.80 -43.61
C GLU B 249 -20.49 12.30 -43.57
N PHE B 250 -19.43 11.81 -42.92
CA PHE B 250 -19.22 10.37 -42.77
C PHE B 250 -20.47 9.75 -42.09
N HIS B 251 -20.92 10.40 -41.02
CA HIS B 251 -22.09 9.97 -40.26
C HIS B 251 -23.34 9.84 -41.16
N GLN B 252 -23.65 10.91 -41.88
CA GLN B 252 -24.79 11.00 -42.79
C GLN B 252 -24.75 9.88 -43.84
N THR B 253 -23.57 9.64 -44.41
CA THR B 253 -23.38 8.57 -45.40
C THR B 253 -23.61 7.17 -44.75
N ALA B 254 -23.09 6.99 -43.53
CA ALA B 254 -23.21 5.71 -42.84
C ALA B 254 -24.61 5.40 -42.38
N LEU B 255 -25.40 6.43 -42.11
CA LEU B 255 -26.79 6.28 -41.64
C LEU B 255 -27.77 5.81 -42.75
N GLU B 256 -27.29 5.81 -44.00
CA GLU B 256 -28.02 5.39 -45.21
C GLU B 256 -27.98 3.87 -45.35
N HIS B 257 -26.90 3.31 -44.83
CA HIS B 257 -26.68 1.88 -44.86
C HIS B 257 -27.92 1.19 -44.31
N PRO B 258 -28.40 0.16 -45.03
CA PRO B 258 -29.58 -0.63 -44.67
C PRO B 258 -29.56 -1.15 -43.21
N GLU B 259 -28.36 -1.49 -42.74
CA GLU B 259 -28.18 -2.01 -41.38
C GLU B 259 -28.49 -1.00 -40.29
N LEU B 260 -28.39 0.29 -40.61
CA LEU B 260 -28.65 1.35 -39.65
C LEU B 260 -29.95 2.10 -39.89
N SER B 261 -30.90 1.45 -40.57
CA SER B 261 -32.17 2.08 -40.93
C SER B 261 -33.07 2.47 -39.75
N GLU B 262 -33.27 1.58 -38.79
CA GLU B 262 -34.09 1.90 -37.62
C GLU B 262 -33.45 3.08 -36.91
N LEU B 263 -32.10 3.07 -36.78
CA LEU B 263 -31.36 4.15 -36.13
C LEU B 263 -31.55 5.47 -36.84
N LYS B 264 -31.64 5.43 -38.17
CA LYS B 264 -31.86 6.64 -38.96
C LYS B 264 -33.22 7.27 -38.64
N THR B 265 -34.24 6.44 -38.39
CA THR B 265 -35.60 6.87 -38.05
C THR B 265 -35.66 7.38 -36.61
N VAL B 266 -35.21 6.57 -35.66
CA VAL B 266 -35.24 6.98 -34.26
C VAL B 266 -34.36 8.18 -33.88
N THR B 267 -33.33 8.47 -34.67
CA THR B 267 -32.45 9.63 -34.38
C THR B 267 -32.73 10.87 -35.23
N GLY B 268 -33.81 10.84 -36.00
CA GLY B 268 -34.15 11.96 -36.87
C GLY B 268 -34.67 13.27 -36.29
N THR B 269 -35.45 13.18 -35.21
CA THR B 269 -36.04 14.37 -34.64
C THR B 269 -35.33 14.99 -33.42
N ASN B 270 -35.08 14.18 -32.39
CA ASN B 270 -34.39 14.66 -31.19
C ASN B 270 -32.99 15.19 -31.54
N PRO B 271 -32.75 16.48 -31.35
CA PRO B 271 -31.45 17.05 -31.68
C PRO B 271 -30.25 16.44 -30.93
N VAL B 272 -30.50 15.74 -29.83
CA VAL B 272 -29.43 15.12 -29.04
C VAL B 272 -28.82 13.94 -29.80
N PHE B 273 -29.58 13.36 -30.71
CA PHE B 273 -29.13 12.21 -31.49
C PHE B 273 -28.64 12.60 -32.89
N ALA B 274 -28.44 13.88 -33.13
CA ALA B 274 -27.98 14.36 -34.43
C ALA B 274 -26.51 14.04 -34.74
N GLY B 275 -26.15 14.11 -36.03
CA GLY B 275 -24.80 13.82 -36.49
C GLY B 275 -23.68 14.62 -35.87
N ALA B 276 -23.97 15.87 -35.54
CA ALA B 276 -23.03 16.78 -34.92
C ALA B 276 -22.68 16.28 -33.54
N ASN B 277 -23.63 15.65 -32.89
CA ASN B 277 -23.40 15.12 -31.57
C ASN B 277 -22.58 13.85 -31.61
N TYR B 278 -22.81 13.00 -32.61
CA TYR B 278 -22.01 11.79 -32.78
C TYR B 278 -20.59 12.25 -33.12
N ALA B 279 -20.47 13.22 -34.03
CA ALA B 279 -19.17 13.76 -34.47
C ALA B 279 -18.43 14.41 -33.34
N ALA B 280 -19.16 15.12 -32.49
CA ALA B 280 -18.58 15.79 -31.34
C ALA B 280 -18.03 14.73 -30.39
N TRP B 281 -18.82 13.68 -30.17
CA TRP B 281 -18.42 12.59 -29.29
C TRP B 281 -17.17 11.90 -29.84
N ALA B 282 -17.26 11.45 -31.09
CA ALA B 282 -16.18 10.74 -31.79
C ALA B 282 -14.83 11.46 -31.71
N VAL B 283 -14.83 12.78 -31.92
CA VAL B 283 -13.56 13.51 -31.86
C VAL B 283 -13.07 13.60 -30.41
N ASN B 284 -14.00 13.79 -29.49
CA ASN B 284 -13.65 13.87 -28.09
C ASN B 284 -13.00 12.56 -27.63
N VAL B 285 -13.46 11.43 -28.14
CA VAL B 285 -12.88 10.15 -27.76
C VAL B 285 -11.47 10.06 -28.33
N ALA B 286 -11.32 10.35 -29.61
CA ALA B 286 -10.02 10.29 -30.29
C ALA B 286 -8.98 11.12 -29.61
N GLN B 287 -9.41 12.27 -29.08
CA GLN B 287 -8.54 13.21 -28.38
C GLN B 287 -8.02 12.79 -27.00
N VAL B 288 -8.81 12.03 -26.24
CA VAL B 288 -8.43 11.59 -24.90
C VAL B 288 -7.79 10.19 -24.84
N ILE B 289 -7.83 9.45 -25.95
CA ILE B 289 -7.23 8.11 -25.96
C ILE B 289 -5.84 8.09 -26.59
N ASP B 290 -4.87 7.69 -25.77
CA ASP B 290 -3.50 7.59 -26.21
C ASP B 290 -3.23 6.08 -26.20
N SER B 291 -2.01 5.69 -26.53
CA SER B 291 -1.61 4.29 -26.57
C SER B 291 -1.90 3.48 -25.30
N GLU B 292 -1.48 3.96 -24.14
CA GLU B 292 -1.71 3.18 -22.93
C GLU B 292 -3.18 3.05 -22.50
N THR B 293 -3.95 4.11 -22.66
CA THR B 293 -5.35 4.06 -22.28
C THR B 293 -6.02 3.00 -23.13
N ALA B 294 -5.84 3.14 -24.43
CA ALA B 294 -6.38 2.24 -25.44
C ALA B 294 -6.08 0.74 -25.26
N ASP B 295 -4.98 0.40 -24.60
CA ASP B 295 -4.64 -1.02 -24.43
C ASP B 295 -5.14 -1.57 -23.12
N ASN B 296 -5.63 -0.70 -22.25
CA ASN B 296 -6.12 -1.12 -20.96
C ASN B 296 -7.57 -0.72 -20.83
N LEU B 297 -8.42 -1.72 -20.67
CA LEU B 297 -9.87 -1.50 -20.55
C LEU B 297 -10.24 -0.65 -19.33
N GLU B 298 -9.63 -0.93 -18.18
CA GLU B 298 -9.91 -0.16 -16.99
C GLU B 298 -9.68 1.31 -17.28
N LYS B 299 -8.49 1.61 -17.82
CA LYS B 299 -8.02 2.95 -18.18
C LYS B 299 -8.90 3.65 -19.19
N THR B 300 -9.26 2.91 -20.24
CA THR B 300 -10.14 3.39 -21.28
C THR B 300 -11.52 3.75 -20.71
N THR B 301 -12.10 2.90 -19.87
CA THR B 301 -13.39 3.15 -19.26
C THR B 301 -13.32 4.40 -18.40
N ALA B 302 -12.25 4.50 -17.61
CA ALA B 302 -12.04 5.65 -16.76
C ALA B 302 -11.98 6.92 -17.61
N ALA B 303 -11.28 6.85 -18.74
CA ALA B 303 -11.14 7.97 -19.65
C ALA B 303 -12.46 8.37 -20.31
N LEU B 304 -13.19 7.38 -20.82
CA LEU B 304 -14.48 7.60 -21.48
C LEU B 304 -15.55 8.04 -20.50
N SER B 305 -15.54 7.46 -19.29
CA SER B 305 -16.52 7.79 -18.26
C SER B 305 -16.59 9.27 -17.82
N ILE B 306 -15.62 10.09 -18.23
CA ILE B 306 -15.61 11.49 -17.85
C ILE B 306 -15.91 12.44 -19.00
N LEU B 307 -16.22 11.89 -20.15
CA LEU B 307 -16.53 12.71 -21.32
C LEU B 307 -18.02 13.01 -21.38
N PRO B 308 -18.37 14.19 -21.92
CA PRO B 308 -19.77 14.63 -22.06
C PRO B 308 -20.27 14.13 -23.40
N GLY B 309 -21.58 14.19 -23.63
CA GLY B 309 -22.11 13.76 -24.90
C GLY B 309 -22.41 12.30 -25.10
N ILE B 310 -22.29 11.49 -24.06
CA ILE B 310 -22.56 10.06 -24.18
C ILE B 310 -24.04 9.73 -24.44
N GLY B 311 -24.94 10.58 -23.97
CA GLY B 311 -26.36 10.34 -24.16
C GLY B 311 -26.77 10.40 -25.63
N SER B 312 -25.90 10.94 -26.48
CA SER B 312 -26.14 11.05 -27.90
C SER B 312 -26.10 9.68 -28.52
N VAL B 313 -25.11 8.89 -28.13
CA VAL B 313 -24.95 7.54 -28.65
C VAL B 313 -25.77 6.48 -27.90
N MET B 314 -26.14 6.78 -26.65
CA MET B 314 -26.96 5.86 -25.87
C MET B 314 -28.45 6.09 -26.17
N GLY B 315 -28.75 7.25 -26.74
CA GLY B 315 -30.13 7.59 -27.06
C GLY B 315 -30.91 7.87 -25.80
N ILE B 316 -30.27 8.54 -24.86
CA ILE B 316 -30.91 8.84 -23.59
C ILE B 316 -31.12 10.34 -23.52
N ALA B 317 -32.38 10.76 -23.46
CA ALA B 317 -32.67 12.19 -23.42
C ALA B 317 -34.06 12.42 -22.91
N ASP B 318 -34.25 13.59 -22.31
CA ASP B 318 -35.52 14.01 -21.75
C ASP B 318 -36.05 13.05 -20.70
N GLY B 319 -35.15 12.28 -20.10
CA GLY B 319 -35.54 11.37 -19.05
C GLY B 319 -35.86 9.95 -19.40
N ALA B 320 -35.68 9.59 -20.65
CA ALA B 320 -36.00 8.25 -21.06
C ALA B 320 -34.88 7.70 -21.89
N VAL B 321 -34.76 6.38 -21.85
CA VAL B 321 -33.77 5.62 -22.62
C VAL B 321 -34.55 5.29 -23.86
N HIS B 322 -34.23 5.98 -24.95
CA HIS B 322 -34.94 5.76 -26.19
C HIS B 322 -34.45 4.52 -26.96
N HIS B 323 -33.15 4.28 -26.96
CA HIS B 323 -32.60 3.11 -27.64
C HIS B 323 -32.74 2.04 -26.59
N ASN B 324 -33.82 1.31 -26.68
CA ASN B 324 -34.12 0.26 -25.74
C ASN B 324 -34.35 -1.07 -26.44
N THR B 325 -33.79 -1.25 -27.62
CA THR B 325 -33.91 -2.52 -28.30
C THR B 325 -32.50 -2.93 -28.66
N GLU B 326 -32.23 -4.23 -28.66
CA GLU B 326 -30.90 -4.75 -28.96
C GLU B 326 -30.48 -4.33 -30.36
N GLU B 327 -31.45 -4.31 -31.26
CA GLU B 327 -31.21 -3.94 -32.63
C GLU B 327 -30.73 -2.50 -32.71
N ILE B 328 -31.48 -1.56 -32.14
CA ILE B 328 -31.12 -0.15 -32.19
C ILE B 328 -29.86 0.23 -31.39
N VAL B 329 -29.66 -0.41 -30.24
CA VAL B 329 -28.46 -0.15 -29.44
C VAL B 329 -27.24 -0.60 -30.26
N ALA B 330 -27.29 -1.80 -30.83
CA ALA B 330 -26.18 -2.33 -31.63
C ALA B 330 -25.82 -1.39 -32.80
N GLN B 331 -26.85 -0.83 -33.43
CA GLN B 331 -26.65 0.09 -34.53
C GLN B 331 -25.93 1.34 -34.07
N SER B 332 -26.39 1.92 -32.98
CA SER B 332 -25.81 3.13 -32.43
C SER B 332 -24.34 2.97 -32.07
N ILE B 333 -24.01 1.90 -31.34
CA ILE B 333 -22.64 1.56 -30.95
C ILE B 333 -21.78 1.30 -32.20
N ALA B 334 -22.27 0.49 -33.13
CA ALA B 334 -21.54 0.22 -34.36
C ALA B 334 -21.16 1.51 -35.10
N LEU B 335 -22.09 2.46 -35.15
CA LEU B 335 -21.86 3.75 -35.81
C LEU B 335 -20.80 4.62 -35.13
N SER B 336 -20.86 4.78 -33.81
CA SER B 336 -19.87 5.60 -33.14
C SER B 336 -18.52 4.93 -33.17
N SER B 337 -18.50 3.61 -33.24
CA SER B 337 -17.26 2.85 -33.34
C SER B 337 -16.55 3.20 -34.67
N LEU B 338 -17.33 3.25 -35.74
CA LEU B 338 -16.82 3.58 -37.09
C LEU B 338 -16.32 5.00 -37.15
N MET B 339 -17.07 5.90 -36.52
CA MET B 339 -16.73 7.29 -36.48
C MET B 339 -15.48 7.54 -35.63
N VAL B 340 -15.38 6.88 -34.48
CA VAL B 340 -14.20 6.98 -33.60
C VAL B 340 -12.97 6.55 -34.42
N ALA B 341 -13.10 5.49 -35.22
CA ALA B 341 -11.97 5.04 -36.04
C ALA B 341 -11.58 6.13 -37.05
N GLN B 342 -12.57 6.88 -37.55
CA GLN B 342 -12.34 7.96 -38.51
C GLN B 342 -11.72 9.20 -37.87
N ALA B 343 -12.12 9.46 -36.63
CA ALA B 343 -11.63 10.60 -35.88
C ALA B 343 -10.20 10.43 -35.38
N ILE B 344 -9.80 9.20 -35.04
CA ILE B 344 -8.46 8.96 -34.52
C ILE B 344 -7.32 9.55 -35.37
N PRO B 345 -7.32 9.32 -36.69
CA PRO B 345 -6.22 9.90 -37.47
C PRO B 345 -6.30 11.40 -37.72
N LEU B 346 -7.48 11.99 -37.49
CA LEU B 346 -7.69 13.42 -37.69
C LEU B 346 -7.38 14.24 -36.44
N VAL B 347 -7.74 13.72 -35.27
CA VAL B 347 -7.53 14.43 -34.00
C VAL B 347 -6.91 13.63 -32.84
N GLY B 348 -6.73 12.33 -33.01
CA GLY B 348 -6.14 11.51 -31.96
C GLY B 348 -4.69 11.21 -32.30
N GLU B 349 -4.19 10.08 -31.81
CA GLU B 349 -2.82 9.71 -32.11
C GLU B 349 -2.52 8.26 -31.75
N LEU B 350 -2.76 7.34 -32.68
CA LEU B 350 -2.50 5.92 -32.40
C LEU B 350 -2.62 5.01 -33.63
N VAL B 351 -3.49 3.99 -33.53
CA VAL B 351 -3.79 3.02 -34.58
C VAL B 351 -5.32 2.75 -34.51
N ASP B 352 -6.07 3.75 -34.97
CA ASP B 352 -7.52 3.77 -34.98
C ASP B 352 -8.23 2.46 -35.10
N ILE B 353 -8.07 1.83 -36.25
CA ILE B 353 -8.68 0.54 -36.51
C ILE B 353 -7.97 -0.48 -35.61
N GLY B 354 -8.34 -0.42 -34.33
CA GLY B 354 -7.79 -1.29 -33.33
C GLY B 354 -8.64 -0.97 -32.13
N PHE B 355 -8.39 0.19 -31.55
CA PHE B 355 -9.14 0.68 -30.38
C PHE B 355 -10.64 0.91 -30.66
N ALA B 356 -10.97 1.37 -31.86
CA ALA B 356 -12.35 1.64 -32.22
C ALA B 356 -13.19 0.37 -32.23
N ALA B 357 -12.60 -0.72 -32.74
CA ALA B 357 -13.33 -1.97 -32.84
C ALA B 357 -13.28 -2.81 -31.57
N TYR B 358 -12.35 -2.52 -30.66
CA TYR B 358 -12.29 -3.32 -29.45
C TYR B 358 -12.52 -2.65 -28.11
N ASN B 359 -11.48 -2.07 -27.49
CA ASN B 359 -11.64 -1.43 -26.17
C ASN B 359 -12.64 -0.33 -26.15
N PHE B 360 -12.83 0.30 -27.30
CA PHE B 360 -13.82 1.35 -27.40
C PHE B 360 -15.16 0.70 -27.21
N VAL B 361 -15.47 -0.34 -28.00
CA VAL B 361 -16.75 -1.07 -27.92
C VAL B 361 -17.00 -1.71 -26.55
N GLU B 362 -15.96 -2.34 -26.01
CA GLU B 362 -16.02 -2.98 -24.71
C GLU B 362 -16.39 -1.96 -23.66
N SER B 363 -15.62 -0.89 -23.64
CA SER B 363 -15.82 0.17 -22.66
C SER B 363 -17.20 0.86 -22.73
N ILE B 364 -17.60 1.31 -23.91
CA ILE B 364 -18.88 1.96 -24.07
C ILE B 364 -20.06 1.05 -23.69
N ILE B 365 -19.95 -0.25 -23.94
CA ILE B 365 -21.01 -1.20 -23.59
C ILE B 365 -21.23 -1.21 -22.08
N ASN B 366 -20.12 -1.13 -21.36
CA ASN B 366 -20.12 -1.13 -19.92
C ASN B 366 -20.85 0.11 -19.41
N LEU B 367 -20.52 1.27 -19.97
CA LEU B 367 -21.13 2.55 -19.58
C LEU B 367 -22.65 2.58 -19.86
N PHE B 368 -23.07 1.97 -20.97
CA PHE B 368 -24.48 1.87 -21.30
C PHE B 368 -25.16 1.19 -20.13
N GLN B 369 -24.59 0.05 -19.73
CA GLN B 369 -25.11 -0.77 -18.64
C GLN B 369 -25.22 -0.02 -17.33
N VAL B 370 -24.23 0.82 -17.02
CA VAL B 370 -24.21 1.61 -15.80
C VAL B 370 -25.42 2.52 -15.80
N VAL B 371 -25.61 3.27 -16.88
CA VAL B 371 -26.72 4.21 -17.02
C VAL B 371 -28.10 3.54 -17.14
N HIS B 372 -28.18 2.41 -17.82
CA HIS B 372 -29.42 1.66 -17.93
C HIS B 372 -29.81 1.21 -16.51
N ASN B 373 -28.82 0.76 -15.73
CA ASN B 373 -29.04 0.33 -14.35
C ASN B 373 -29.69 1.49 -13.57
N SER B 374 -29.13 2.69 -13.68
CA SER B 374 -29.67 3.88 -13.02
C SER B 374 -31.13 4.12 -13.35
N TYR B 375 -31.48 4.05 -14.64
CA TYR B 375 -32.85 4.29 -15.07
C TYR B 375 -33.80 3.19 -14.64
N ASN B 376 -33.27 1.98 -14.47
CA ASN B 376 -34.07 0.82 -14.02
C ASN B 376 -34.44 0.93 -12.52
N ARG B 377 -33.60 1.64 -11.77
CA ARG B 377 -33.83 1.86 -10.35
C ARG B 377 -34.87 2.93 -10.15
N PRO B 378 -35.71 2.72 -9.16
CA PRO B 378 -36.77 3.66 -8.81
C PRO B 378 -36.16 4.99 -8.41
N ALA B 379 -36.61 6.07 -9.04
CA ALA B 379 -36.10 7.38 -8.74
C ALA B 379 -37.21 8.39 -8.94
N TYR B 380 -37.06 9.58 -8.36
CA TYR B 380 -38.05 10.65 -8.53
C TYR B 380 -37.65 11.50 -9.73
N SER B 381 -38.62 11.74 -10.61
CA SER B 381 -38.40 12.56 -11.78
C SER B 381 -38.36 14.01 -11.35
N PRO B 382 -37.90 14.90 -12.23
CA PRO B 382 -37.84 16.31 -11.90
C PRO B 382 -39.18 16.87 -11.44
N GLY B 383 -39.14 17.69 -10.41
CA GLY B 383 -40.35 18.30 -9.90
C GLY B 383 -41.07 17.45 -8.88
N HIS B 384 -40.60 16.22 -8.65
CA HIS B 384 -41.22 15.34 -7.68
C HIS B 384 -40.38 15.35 -6.40
N LYS B 385 -41.07 15.31 -5.26
CA LYS B 385 -40.46 15.36 -3.95
C LYS B 385 -39.47 16.51 -3.98
N THR B 386 -38.28 16.38 -3.41
CA THR B 386 -37.34 17.49 -3.46
C THR B 386 -36.43 17.49 -4.67
N GLN B 387 -36.80 16.79 -5.73
CA GLN B 387 -35.97 16.74 -6.92
C GLN B 387 -36.30 17.96 -7.77
N PRO B 388 -35.28 18.73 -8.18
CA PRO B 388 -35.44 19.95 -9.00
C PRO B 388 -35.96 19.76 -10.45
N PHE B 389 -36.66 20.77 -10.95
CA PHE B 389 -37.18 20.79 -12.31
C PHE B 389 -36.25 21.84 -12.87
N LEU B 390 -35.44 21.46 -13.86
CA LEU B 390 -34.45 22.36 -14.47
C LEU B 390 -34.88 22.65 -15.90
N HIS B 391 -35.08 23.94 -16.23
CA HIS B 391 -35.59 24.30 -17.54
C HIS B 391 -35.50 25.78 -17.90
N ASP B 392 -35.11 26.09 -19.12
CA ASP B 392 -35.02 27.47 -19.57
C ASP B 392 -34.20 28.42 -18.73
N GLY B 393 -33.28 27.86 -17.93
CA GLY B 393 -32.42 28.67 -17.09
C GLY B 393 -32.88 28.72 -15.65
N TYR B 394 -34.07 28.21 -15.39
CA TYR B 394 -34.65 28.20 -14.04
C TYR B 394 -34.43 26.85 -13.32
N ALA B 395 -34.46 26.90 -11.98
CA ALA B 395 -34.32 25.73 -11.11
C ALA B 395 -35.41 25.92 -10.05
N VAL B 396 -36.39 25.03 -10.05
CA VAL B 396 -37.48 25.11 -9.07
C VAL B 396 -37.60 23.74 -8.36
N SER B 397 -38.03 23.74 -7.09
CA SER B 397 -38.21 22.50 -6.35
C SER B 397 -39.04 22.74 -5.11
N TRP B 398 -39.64 21.69 -4.58
CA TRP B 398 -40.41 21.80 -3.36
C TRP B 398 -39.36 21.94 -2.31
N ASN B 399 -39.58 22.80 -1.34
CA ASN B 399 -38.60 23.03 -0.29
C ASN B 399 -38.32 21.76 0.53
N THR B 400 -39.38 21.00 0.81
CA THR B 400 -39.22 19.76 1.55
C THR B 400 -40.23 18.79 0.99
N VAL B 401 -40.11 17.52 1.35
CA VAL B 401 -41.02 16.51 0.89
C VAL B 401 -42.46 16.83 1.33
N GLU B 402 -42.65 17.30 2.56
CA GLU B 402 -44.00 17.60 3.04
C GLU B 402 -44.70 18.63 2.19
N ASP B 403 -43.94 19.59 1.70
CA ASP B 403 -44.49 20.63 0.86
C ASP B 403 -45.14 20.06 -0.37
N SER B 404 -44.56 19.00 -0.92
CA SER B 404 -45.09 18.37 -2.13
C SER B 404 -46.31 17.52 -1.92
N ILE B 405 -46.75 17.39 -0.68
CA ILE B 405 -47.92 16.58 -0.36
C ILE B 405 -49.05 17.53 0.04
N ILE B 406 -50.20 17.39 -0.62
CA ILE B 406 -51.36 18.21 -0.28
C ILE B 406 -52.26 17.26 0.46
N ARG B 407 -52.40 17.43 1.77
CA ARG B 407 -53.26 16.54 2.54
C ARG B 407 -54.75 16.91 2.47
N THR B 408 -55.59 15.88 2.48
CA THR B 408 -57.03 16.06 2.37
C THR B 408 -57.83 15.37 3.48
N GLY B 409 -59.11 15.69 3.56
CA GLY B 409 -59.94 15.06 4.59
C GLY B 409 -60.05 15.88 5.86
N PHE B 410 -59.80 17.17 5.75
CA PHE B 410 -59.91 18.04 6.91
C PHE B 410 -60.24 19.45 6.42
N GLN B 411 -60.82 20.23 7.32
CA GLN B 411 -61.22 21.61 7.07
C GLN B 411 -60.05 22.36 7.62
N GLY B 412 -59.44 23.21 6.82
CA GLY B 412 -58.30 23.91 7.36
C GLY B 412 -57.32 24.39 6.32
N GLU B 413 -56.18 24.86 6.80
CA GLU B 413 -55.17 25.42 5.93
C GLU B 413 -53.91 24.59 5.88
N SER B 414 -53.10 24.87 4.85
CA SER B 414 -51.80 24.24 4.67
C SER B 414 -50.93 25.22 3.85
N GLY B 415 -49.61 25.13 4.04
CA GLY B 415 -48.68 25.99 3.34
C GLY B 415 -47.69 25.16 2.54
N HIS B 416 -47.26 25.65 1.37
CA HIS B 416 -46.38 24.89 0.51
C HIS B 416 -45.28 25.75 -0.09
N ASP B 417 -44.04 25.53 0.32
CA ASP B 417 -42.93 26.32 -0.19
C ASP B 417 -42.29 25.71 -1.43
N ILE B 418 -42.01 26.57 -2.41
CA ILE B 418 -41.39 26.17 -3.66
C ILE B 418 -40.23 27.14 -3.88
N LYS B 419 -39.02 26.62 -3.89
CA LYS B 419 -37.84 27.44 -4.13
C LYS B 419 -37.69 27.69 -5.62
N ILE B 420 -37.26 28.90 -5.98
CA ILE B 420 -37.09 29.27 -7.38
C ILE B 420 -35.82 30.10 -7.58
N THR B 421 -35.09 29.86 -8.64
CA THR B 421 -33.92 30.68 -8.92
C THR B 421 -33.59 30.46 -10.38
N ALA B 422 -32.66 31.21 -10.92
CA ALA B 422 -32.30 31.06 -12.31
C ALA B 422 -30.78 31.08 -12.29
N GLU B 423 -30.16 30.39 -13.25
CA GLU B 423 -28.71 30.24 -13.31
C GLU B 423 -27.82 31.47 -13.42
N ASN B 424 -28.21 32.44 -14.24
CA ASN B 424 -27.37 33.62 -14.44
C ASN B 424 -28.06 35.00 -14.40
N THR B 425 -28.41 35.49 -15.58
CA THR B 425 -29.06 36.78 -15.73
C THR B 425 -30.44 36.71 -15.08
N PRO B 426 -31.05 37.88 -14.74
CA PRO B 426 -32.35 37.94 -14.10
C PRO B 426 -33.47 37.49 -15.03
N LEU B 427 -34.18 36.44 -14.64
CA LEU B 427 -35.28 35.94 -15.43
C LEU B 427 -36.57 36.12 -14.60
N PRO B 428 -37.65 36.60 -15.24
CA PRO B 428 -38.94 36.84 -14.57
C PRO B 428 -39.76 35.61 -14.25
N ILE B 429 -40.65 35.78 -13.27
CA ILE B 429 -41.60 34.72 -12.90
C ILE B 429 -42.93 35.43 -13.13
N ALA B 430 -43.62 35.06 -14.19
CA ALA B 430 -44.91 35.66 -14.54
C ALA B 430 -45.98 35.35 -13.52
N GLY B 431 -45.98 34.13 -13.01
CA GLY B 431 -46.98 33.77 -12.05
C GLY B 431 -47.00 32.28 -11.85
N VAL B 432 -48.12 31.79 -11.33
CA VAL B 432 -48.23 30.39 -11.04
C VAL B 432 -49.66 29.89 -11.22
N LEU B 433 -49.78 28.69 -11.78
CA LEU B 433 -51.07 28.07 -12.00
C LEU B 433 -51.27 27.06 -10.88
N LEU B 434 -52.39 27.10 -10.20
CA LEU B 434 -52.61 26.19 -9.10
C LEU B 434 -53.88 25.42 -9.28
N PRO B 435 -53.83 24.10 -9.05
CA PRO B 435 -55.05 23.32 -9.21
C PRO B 435 -56.02 23.71 -8.08
N THR B 436 -57.28 23.92 -8.41
CA THR B 436 -58.23 24.27 -7.37
C THR B 436 -59.50 23.49 -7.54
N ILE B 437 -60.07 23.11 -6.39
CA ILE B 437 -61.33 22.36 -6.30
C ILE B 437 -62.16 23.19 -5.31
N PRO B 438 -63.15 23.94 -5.81
CA PRO B 438 -63.95 24.74 -4.89
C PRO B 438 -64.57 23.99 -3.72
N GLY B 439 -64.34 24.55 -2.54
CA GLY B 439 -64.85 23.97 -1.31
C GLY B 439 -63.82 23.13 -0.61
N LYS B 440 -63.16 22.24 -1.35
CA LYS B 440 -62.16 21.36 -0.78
C LYS B 440 -60.76 21.88 -0.89
N LEU B 441 -60.42 22.51 -2.01
CA LEU B 441 -59.06 23.02 -2.21
C LEU B 441 -59.04 24.39 -2.90
N ASP B 442 -58.87 25.42 -2.07
CA ASP B 442 -58.87 26.81 -2.52
C ASP B 442 -57.60 27.55 -2.13
N VAL B 443 -57.27 28.58 -2.89
CA VAL B 443 -56.10 29.42 -2.64
C VAL B 443 -56.35 30.45 -1.54
N ASN B 444 -55.64 30.36 -0.43
CA ASN B 444 -55.82 31.36 0.59
C ASN B 444 -55.01 32.55 0.08
N LYS B 445 -55.70 33.45 -0.60
CA LYS B 445 -55.13 34.64 -1.24
C LYS B 445 -54.39 35.64 -0.36
N SER B 446 -54.73 35.67 0.92
CA SER B 446 -54.05 36.59 1.84
C SER B 446 -52.66 36.08 2.24
N LYS B 447 -52.58 34.78 2.48
CA LYS B 447 -51.33 34.16 2.91
C LYS B 447 -50.47 33.60 1.75
N THR B 448 -50.98 33.63 0.53
CA THR B 448 -50.21 33.16 -0.61
C THR B 448 -49.31 34.30 -1.04
N HIS B 449 -48.03 34.02 -1.29
CA HIS B 449 -47.12 35.08 -1.72
C HIS B 449 -45.82 34.49 -2.24
N ILE B 450 -44.90 35.37 -2.62
CA ILE B 450 -43.61 34.95 -3.11
C ILE B 450 -42.55 35.90 -2.56
N SER B 451 -41.56 35.38 -1.86
CA SER B 451 -40.49 36.21 -1.32
C SER B 451 -39.23 36.17 -2.16
N VAL B 452 -38.82 37.30 -2.70
CA VAL B 452 -37.64 37.37 -3.54
C VAL B 452 -36.49 37.99 -2.74
N ASN B 453 -35.56 37.16 -2.25
CA ASN B 453 -34.46 37.67 -1.41
C ASN B 453 -35.03 38.37 -0.17
N GLY B 454 -36.19 37.93 0.29
CA GLY B 454 -36.80 38.51 1.47
C GLY B 454 -37.94 39.48 1.28
N ARG B 455 -38.02 40.09 0.11
CA ARG B 455 -39.09 41.03 -0.18
C ARG B 455 -40.34 40.23 -0.35
N LYS B 456 -41.23 40.23 0.62
CA LYS B 456 -42.47 39.43 0.51
C LYS B 456 -43.51 40.10 -0.42
N ILE B 457 -43.64 39.54 -1.62
CA ILE B 457 -44.54 40.08 -2.64
C ILE B 457 -45.88 39.39 -2.59
N ARG B 458 -46.95 40.17 -2.59
CA ARG B 458 -48.29 39.59 -2.55
C ARG B 458 -48.80 39.28 -3.95
N MET B 459 -49.85 38.49 -4.03
CA MET B 459 -50.34 38.10 -5.33
C MET B 459 -51.82 38.31 -5.62
N ARG B 460 -52.13 38.51 -6.90
CA ARG B 460 -53.50 38.70 -7.39
C ARG B 460 -53.86 37.39 -8.02
N CYS B 461 -54.70 36.61 -7.35
CA CYS B 461 -55.14 35.30 -7.80
C CYS B 461 -56.53 35.31 -8.37
N ARG B 462 -56.68 34.73 -9.55
CA ARG B 462 -57.98 34.68 -10.20
C ARG B 462 -58.23 33.31 -10.78
N ALA B 463 -59.45 32.81 -10.59
CA ALA B 463 -59.84 31.55 -11.17
C ALA B 463 -59.99 31.92 -12.63
N ILE B 464 -58.99 31.55 -13.43
CA ILE B 464 -59.04 31.83 -14.86
C ILE B 464 -59.93 30.75 -15.45
N ASP B 465 -60.42 29.91 -14.55
CA ASP B 465 -61.34 28.82 -14.85
C ASP B 465 -60.70 27.69 -15.68
N GLY B 466 -61.04 26.49 -15.25
CA GLY B 466 -60.51 25.27 -15.83
C GLY B 466 -59.93 24.59 -14.60
N ASP B 467 -60.53 24.89 -13.44
CA ASP B 467 -60.10 24.35 -12.15
C ASP B 467 -58.64 24.65 -11.86
N VAL B 468 -58.26 25.86 -12.24
CA VAL B 468 -56.92 26.36 -12.04
C VAL B 468 -57.04 27.83 -11.65
N THR B 469 -56.20 28.25 -10.72
CA THR B 469 -56.15 29.63 -10.28
C THR B 469 -54.80 30.19 -10.72
N PHE B 470 -54.81 31.31 -11.46
CA PHE B 470 -53.58 31.93 -11.86
C PHE B 470 -53.38 33.09 -10.94
N CYS B 471 -52.25 33.06 -10.24
CA CYS B 471 -51.83 34.11 -9.33
C CYS B 471 -50.66 34.79 -9.99
N ARG B 472 -50.60 36.12 -9.92
CA ARG B 472 -49.52 36.95 -10.49
C ARG B 472 -48.92 37.78 -9.40
N PRO B 473 -47.61 38.07 -9.45
CA PRO B 473 -47.02 38.89 -8.39
C PRO B 473 -47.46 40.37 -8.52
N LYS B 474 -47.73 41.01 -7.40
CA LYS B 474 -48.12 42.42 -7.38
C LYS B 474 -47.01 43.32 -7.96
N SER B 475 -45.75 42.91 -7.79
CA SER B 475 -44.63 43.66 -8.37
C SER B 475 -43.77 42.62 -9.07
N PRO B 476 -42.99 43.08 -10.03
CA PRO B 476 -42.11 42.16 -10.79
C PRO B 476 -41.18 41.24 -9.96
N VAL B 477 -41.14 39.96 -10.35
CA VAL B 477 -40.28 38.97 -9.72
C VAL B 477 -39.24 38.48 -10.71
N TYR B 478 -37.95 38.73 -10.41
CA TYR B 478 -36.83 38.24 -11.21
C TYR B 478 -35.91 37.42 -10.28
N VAL B 479 -35.45 36.28 -10.79
CA VAL B 479 -34.54 35.43 -10.07
C VAL B 479 -33.32 35.25 -10.99
N GLY B 480 -32.20 34.89 -10.43
CA GLY B 480 -30.98 34.70 -11.21
C GLY B 480 -29.87 34.45 -10.23
N ASN B 481 -28.63 34.54 -10.69
CA ASN B 481 -27.50 34.31 -9.80
C ASN B 481 -27.50 35.35 -8.66
N GLY B 482 -27.59 34.88 -7.41
CA GLY B 482 -27.62 35.81 -6.29
C GLY B 482 -29.03 36.27 -5.94
N VAL B 483 -30.01 35.91 -6.75
CA VAL B 483 -31.44 36.25 -6.50
C VAL B 483 -32.31 35.01 -6.58
N HIS B 484 -33.01 34.73 -5.48
CA HIS B 484 -33.86 33.55 -5.37
C HIS B 484 -35.20 33.97 -4.81
N ALA B 485 -36.18 33.09 -4.94
CA ALA B 485 -37.52 33.35 -4.42
C ALA B 485 -38.07 32.11 -3.72
N ASN B 486 -39.01 32.34 -2.81
CA ASN B 486 -39.73 31.27 -2.15
C ASN B 486 -41.22 31.52 -2.40
N LEU B 487 -41.84 30.67 -3.23
CA LEU B 487 -43.26 30.79 -3.53
C LEU B 487 -43.98 30.05 -2.46
N HIS B 488 -44.78 30.74 -1.67
CA HIS B 488 -45.49 30.08 -0.63
C HIS B 488 -46.94 30.00 -1.01
N VAL B 489 -47.40 28.81 -1.32
CA VAL B 489 -48.77 28.59 -1.71
C VAL B 489 -49.58 28.15 -0.51
N ALA B 490 -50.66 28.85 -0.24
CA ALA B 490 -51.52 28.48 0.87
C ALA B 490 -52.88 27.99 0.35
N PHE B 491 -53.25 26.79 0.76
CA PHE B 491 -54.50 26.18 0.36
C PHE B 491 -55.44 26.20 1.54
N HIS B 492 -56.72 26.35 1.24
CA HIS B 492 -57.76 26.40 2.26
C HIS B 492 -58.83 25.39 1.96
N ARG B 493 -59.22 24.69 3.01
CA ARG B 493 -60.25 23.67 2.93
C ARG B 493 -61.50 24.13 3.69
N SER B 494 -62.57 24.37 2.93
CA SER B 494 -63.84 24.78 3.50
C SER B 494 -64.51 23.56 4.15
N SER B 495 -64.26 22.37 3.61
CA SER B 495 -64.83 21.15 4.12
C SER B 495 -63.79 20.04 4.27
N SER B 496 -64.10 19.12 5.18
CA SER B 496 -63.29 17.94 5.47
C SER B 496 -63.55 16.80 4.51
N GLU B 497 -64.23 17.09 3.41
CA GLU B 497 -64.52 16.10 2.39
C GLU B 497 -63.23 15.87 1.61
N LYS B 498 -62.86 14.60 1.50
CA LYS B 498 -61.67 14.18 0.78
C LYS B 498 -61.71 14.51 -0.70
N ILE B 499 -60.53 14.74 -1.28
CA ILE B 499 -60.39 15.02 -2.70
C ILE B 499 -60.21 13.68 -3.40
N HIS B 500 -61.12 13.38 -4.32
CA HIS B 500 -61.08 12.12 -5.06
C HIS B 500 -60.16 12.26 -6.26
N SER B 501 -59.68 11.12 -6.77
CA SER B 501 -58.79 11.04 -7.93
C SER B 501 -59.49 11.46 -9.23
N ASN B 502 -60.76 11.09 -9.33
CA ASN B 502 -61.62 11.43 -10.47
C ASN B 502 -62.23 12.81 -10.12
N GLU B 503 -61.36 13.79 -9.88
CA GLU B 503 -61.78 15.13 -9.47
C GLU B 503 -60.69 16.17 -9.75
N ILE B 504 -59.46 15.83 -9.41
CA ILE B 504 -58.34 16.74 -9.63
C ILE B 504 -57.84 16.70 -11.08
N SER B 505 -57.73 17.89 -11.68
CA SER B 505 -57.27 18.05 -13.05
C SER B 505 -55.77 17.77 -13.27
N SER B 506 -54.90 18.50 -12.59
CA SER B 506 -53.46 18.33 -12.73
C SER B 506 -52.88 17.79 -11.44
N ASP B 507 -51.71 17.16 -11.52
CA ASP B 507 -51.03 16.63 -10.35
C ASP B 507 -49.80 17.51 -10.16
N SER B 508 -49.87 18.71 -10.70
CA SER B 508 -48.76 19.63 -10.61
C SER B 508 -49.17 21.08 -10.48
N ILE B 509 -48.22 21.87 -10.05
CA ILE B 509 -48.38 23.29 -9.93
C ILE B 509 -47.44 23.86 -11.02
N GLY B 510 -47.94 24.82 -11.80
CA GLY B 510 -47.17 25.41 -12.88
C GLY B 510 -46.64 26.80 -12.63
N VAL B 511 -45.34 26.91 -12.46
CA VAL B 511 -44.70 28.19 -12.27
C VAL B 511 -44.33 28.64 -13.68
N LEU B 512 -44.78 29.83 -14.04
CA LEU B 512 -44.55 30.44 -15.36
C LEU B 512 -43.39 31.42 -15.36
N GLY B 513 -42.45 31.21 -16.26
CA GLY B 513 -41.32 32.09 -16.34
C GLY B 513 -41.58 33.07 -17.43
N TYR B 514 -40.55 33.40 -18.18
CA TYR B 514 -40.65 34.37 -19.25
C TYR B 514 -41.53 33.98 -20.38
N GLN B 515 -41.95 34.99 -21.14
CA GLN B 515 -42.81 34.81 -22.29
C GLN B 515 -42.02 34.86 -23.56
N LYS B 516 -42.24 33.89 -24.41
CA LYS B 516 -41.54 33.84 -25.65
C LYS B 516 -42.58 33.91 -26.75
N THR B 517 -42.43 34.88 -27.64
CA THR B 517 -43.37 35.01 -28.73
C THR B 517 -42.89 34.06 -29.84
N VAL B 518 -42.86 32.78 -29.52
CA VAL B 518 -42.38 31.75 -30.44
C VAL B 518 -43.59 31.17 -31.17
N ASP B 519 -43.35 30.29 -32.15
CA ASP B 519 -44.41 29.63 -32.92
C ASP B 519 -45.54 30.62 -33.28
N HIS B 520 -45.18 31.89 -33.43
CA HIS B 520 -46.12 32.98 -33.70
C HIS B 520 -47.31 32.97 -32.70
N THR B 521 -47.16 32.16 -31.65
CA THR B 521 -48.12 31.99 -30.56
C THR B 521 -47.30 32.13 -29.26
N LYS B 522 -47.49 33.25 -28.57
CA LYS B 522 -46.76 33.52 -27.34
C LYS B 522 -47.13 32.59 -26.19
N VAL B 523 -46.12 32.02 -25.55
CA VAL B 523 -46.34 31.13 -24.44
C VAL B 523 -45.25 31.37 -23.42
N ASN B 524 -45.50 30.93 -22.19
CA ASN B 524 -44.54 31.09 -21.10
C ASN B 524 -43.70 29.86 -20.83
N SER B 525 -42.51 30.05 -20.27
CA SER B 525 -41.64 28.96 -19.87
C SER B 525 -42.43 28.24 -18.74
N LYS B 526 -42.57 26.93 -18.79
CA LYS B 526 -43.32 26.26 -17.74
C LYS B 526 -42.48 25.38 -16.86
N LEU B 527 -42.55 25.64 -15.56
CA LEU B 527 -41.78 24.93 -14.57
C LEU B 527 -42.77 24.21 -13.65
N SER B 528 -42.82 22.89 -13.76
CA SER B 528 -43.78 22.13 -12.99
C SER B 528 -43.23 21.49 -11.75
N LEU B 529 -44.08 21.48 -10.71
CA LEU B 529 -43.78 20.87 -9.41
C LEU B 529 -44.97 19.93 -9.22
N PHE B 530 -44.69 18.63 -9.14
CA PHE B 530 -45.72 17.60 -9.00
C PHE B 530 -46.02 17.26 -7.53
N PHE B 531 -47.30 17.13 -7.21
CA PHE B 531 -47.68 16.83 -5.85
C PHE B 531 -48.41 15.51 -5.69
N GLU B 532 -48.69 15.17 -4.43
CA GLU B 532 -49.43 13.97 -4.10
C GLU B 532 -50.43 14.29 -3.03
N ILE B 533 -51.67 13.84 -3.22
CA ILE B 533 -52.73 14.06 -2.25
C ILE B 533 -52.67 12.89 -1.26
N LYS B 534 -52.72 13.19 0.03
CA LYS B 534 -52.65 12.11 0.98
C LYS B 534 -53.56 12.27 2.18
N SER B 535 -53.56 11.23 2.99
CA SER B 535 -54.33 11.12 4.23
C SER B 535 -55.80 10.80 4.00
#